data_8ZTO
#
_entry.id   8ZTO
#
_cell.length_a   1.00
_cell.length_b   1.00
_cell.length_c   1.00
_cell.angle_alpha   90.00
_cell.angle_beta   90.00
_cell.angle_gamma   90.00
#
_symmetry.space_group_name_H-M   'P 1'
#
loop_
_entity.id
_entity.type
_entity.pdbx_description
1 polymer 'Solute carrier family 53 member 1'
2 non-polymer '[(2~{R})-1-hexadecanoyloxy-3-[oxidanyl-[2-(trimethyl-$l^{4}-azanyl)ethoxy]phosphoryl]oxy-propan-2-yl] octadec-9-enoate'
3 non-polymer 'PHOSPHATE ION'
#
_entity_poly.entity_id   1
_entity_poly.type   'polypeptide(L)'
_entity_poly.pdbx_seq_one_letter_code
;MKFAEHLSAHITPEWRKQYIQYEAFKDMLYSAQDQAPSVEVTDEDTVKRYFAKFEEKFFQTCEKELAKINTFYSEKLAEA
QRRFATLQNELQSSLDAQKESTGVTTLRQRRKPVFHLSHEERVQHRNIKDLKLAFSEFYLSLILLQNYQNLNFTGFRKIL
KKHDKILETSRGADWRVAHVEVAPFYTCKKINQLISETEAVVTNELEDGDRQKAMKRLRVPPLGAAQPAPAWTTFRVGLF
CGIFIVLNITLVLAAVFKLETDRSIWPLIRIYRGGFLLIEFLFLLGINTYGWRQAGVNHVLIFELNPRSNLSHQHLFEIA
GFLGILWCLSLLACFFAPISVIPTYVYPLALYGFMVFFLINPTKTFYYKSRFWLLKLLFRVFTAPFHKVGFADFWLADQL
NSLSVILMDLEYMICFYSLELKWDESKGLLPNNSEESGICHKYTYGVRAIVQCIPAWLRFIQCLRRYRDTKRAFPHLVNA
GKYSTTFFMVTFAALYSTHKERGHSDTMVFFYLWIVFYIISSCYTLIWDLKMDWGLFDKNAGENTFLREEIVYPQKAYYY
CAIIEDVILRFAWTIQISITSTTLLPHSGDIIATVFAPLEVFRRFVWNFFRLENEHLNNCGEFRAVRDISVAPLNADDQT
LLEQMMDQDDGVRNRQKNRSWKYNQSISLRRPRLASQSKARDTKVLIEDTDDEANTASDYKDDDDK
;
_entity_poly.pdbx_strand_id   A,B
#
# COMPACT_ATOMS: atom_id res chain seq x y z
N PRO A 230 9.65 15.48 -1.62
CA PRO A 230 10.77 14.61 -1.99
C PRO A 230 10.32 13.20 -2.35
N ALA A 231 11.27 12.31 -2.60
CA ALA A 231 10.93 10.94 -3.01
C ALA A 231 10.42 10.10 -1.84
N TRP A 232 10.93 10.33 -0.64
CA TRP A 232 10.50 9.54 0.50
C TRP A 232 9.07 9.87 0.91
N THR A 233 8.68 11.14 0.83
CA THR A 233 7.32 11.53 1.16
C THR A 233 6.32 10.99 0.14
N THR A 234 6.68 11.01 -1.15
CA THR A 234 5.82 10.43 -2.17
C THR A 234 5.73 8.91 -2.04
N PHE A 235 6.84 8.27 -1.63
CA PHE A 235 6.80 6.84 -1.34
C PHE A 235 5.88 6.54 -0.17
N ARG A 236 5.90 7.39 0.87
CA ARG A 236 5.01 7.18 2.00
C ARG A 236 3.56 7.48 1.64
N VAL A 237 3.34 8.39 0.67
CA VAL A 237 2.00 8.62 0.13
C VAL A 237 1.47 7.35 -0.51
N GLY A 238 2.31 6.72 -1.34
CA GLY A 238 1.93 5.46 -1.96
C GLY A 238 1.74 4.34 -0.94
N LEU A 239 2.62 4.27 0.05
CA LEU A 239 2.56 3.21 1.05
C LEU A 239 1.28 3.31 1.87
N PHE A 240 0.95 4.51 2.34
CA PHE A 240 -0.26 4.69 3.13
C PHE A 240 -1.52 4.55 2.27
N CYS A 241 -1.47 4.97 1.00
CA CYS A 241 -2.63 4.77 0.13
C CYS A 241 -2.84 3.29 -0.20
N GLY A 242 -1.75 2.54 -0.39
CA GLY A 242 -1.89 1.12 -0.66
C GLY A 242 -2.42 0.34 0.51
N ILE A 243 -1.90 0.61 1.72
CA ILE A 243 -2.40 -0.04 2.93
C ILE A 243 -3.85 0.37 3.19
N PHE A 244 -4.20 1.62 2.89
CA PHE A 244 -5.58 2.07 3.03
C PHE A 244 -6.51 1.36 2.06
N ILE A 245 -6.07 1.14 0.82
CA ILE A 245 -6.92 0.48 -0.17
C ILE A 245 -7.18 -0.97 0.21
N VAL A 246 -6.14 -1.70 0.63
CA VAL A 246 -6.33 -3.11 0.97
C VAL A 246 -7.14 -3.24 2.26
N LEU A 247 -6.91 -2.38 3.24
CA LEU A 247 -7.70 -2.46 4.45
C LEU A 247 -9.14 -1.99 4.24
N ASN A 248 -9.38 -1.14 3.24
CA ASN A 248 -10.75 -0.81 2.86
C ASN A 248 -11.45 -2.00 2.22
N ILE A 249 -10.74 -2.73 1.35
CA ILE A 249 -11.29 -3.94 0.74
C ILE A 249 -11.53 -5.00 1.81
N THR A 250 -10.62 -5.13 2.77
CA THR A 250 -10.82 -6.03 3.90
C THR A 250 -12.00 -5.60 4.76
N LEU A 251 -12.22 -4.29 4.89
CA LEU A 251 -13.37 -3.79 5.64
C LEU A 251 -14.69 -4.14 4.96
N VAL A 252 -14.75 -3.98 3.63
CA VAL A 252 -15.96 -4.33 2.89
C VAL A 252 -16.21 -5.83 2.93
N LEU A 253 -15.14 -6.62 2.75
CA LEU A 253 -15.26 -8.08 2.78
C LEU A 253 -15.65 -8.61 4.16
N ALA A 254 -15.16 -7.97 5.23
CA ALA A 254 -15.56 -8.36 6.57
C ALA A 254 -16.97 -7.92 6.90
N ALA A 255 -17.40 -6.78 6.36
CA ALA A 255 -18.77 -6.33 6.59
C ALA A 255 -19.78 -7.17 5.81
N VAL A 256 -19.37 -7.80 4.71
CA VAL A 256 -20.28 -8.62 3.93
C VAL A 256 -20.25 -10.08 4.39
N PHE A 257 -19.08 -10.70 4.43
CA PHE A 257 -18.98 -12.13 4.70
C PHE A 257 -18.71 -12.47 6.17
N LYS A 258 -18.65 -11.46 7.04
CA LYS A 258 -18.66 -11.67 8.49
C LYS A 258 -19.67 -10.71 9.12
N LEU A 259 -20.87 -10.67 8.53
CA LEU A 259 -21.92 -9.77 8.98
C LEU A 259 -22.45 -10.20 10.34
N GLU A 260 -22.93 -9.21 11.10
CA GLU A 260 -23.47 -9.48 12.42
C GLU A 260 -24.83 -10.16 12.31
N THR A 261 -25.09 -11.08 13.24
CA THR A 261 -26.34 -11.83 13.20
C THR A 261 -27.53 -10.95 13.58
N ASP A 262 -27.52 -10.41 14.80
CA ASP A 262 -28.58 -9.52 15.24
C ASP A 262 -28.06 -8.28 15.95
N ARG A 263 -26.75 -8.13 16.13
CA ARG A 263 -26.20 -6.97 16.80
C ARG A 263 -26.28 -5.74 15.90
N SER A 264 -26.52 -4.59 16.52
CA SER A 264 -26.69 -3.35 15.76
C SER A 264 -25.34 -2.80 15.34
N ILE A 265 -25.16 -2.57 14.04
CA ILE A 265 -23.93 -1.99 13.51
C ILE A 265 -23.91 -0.47 13.63
N TRP A 266 -25.04 0.14 13.94
CA TRP A 266 -25.18 1.60 13.91
C TRP A 266 -24.39 2.38 14.96
N PRO A 267 -24.19 1.90 16.22
CA PRO A 267 -23.20 2.58 17.06
C PRO A 267 -21.78 2.53 16.52
N LEU A 268 -21.40 1.44 15.87
CA LEU A 268 -20.06 1.34 15.27
C LEU A 268 -19.89 2.33 14.13
N ILE A 269 -20.92 2.45 13.28
CA ILE A 269 -20.90 3.42 12.20
C ILE A 269 -20.89 4.84 12.77
N ARG A 270 -21.70 5.10 13.81
CA ARG A 270 -21.79 6.43 14.35
C ARG A 270 -20.56 6.86 15.14
N ILE A 271 -19.71 5.92 15.55
CA ILE A 271 -18.43 6.32 16.13
C ILE A 271 -17.35 6.46 15.06
N TYR A 272 -17.27 5.53 14.11
CA TYR A 272 -16.18 5.56 13.14
C TYR A 272 -16.42 6.53 11.98
N ARG A 273 -17.63 7.08 11.86
CA ARG A 273 -17.87 8.14 10.87
C ARG A 273 -17.11 9.41 11.21
N GLY A 274 -16.94 9.69 12.51
CA GLY A 274 -16.18 10.83 12.97
C GLY A 274 -14.67 10.72 12.80
N GLY A 275 -14.19 9.59 12.33
CA GLY A 275 -12.81 9.47 11.91
C GLY A 275 -12.72 9.46 10.39
N PHE A 276 -13.70 8.78 9.76
CA PHE A 276 -13.69 8.67 8.31
C PHE A 276 -13.87 10.02 7.63
N LEU A 277 -14.69 10.89 8.20
CA LEU A 277 -14.90 12.21 7.60
C LEU A 277 -13.66 13.08 7.73
N LEU A 278 -12.94 12.99 8.85
CA LEU A 278 -11.70 13.73 9.01
C LEU A 278 -10.63 13.26 8.02
N ILE A 279 -10.53 11.95 7.83
CA ILE A 279 -9.53 11.40 6.91
C ILE A 279 -9.87 11.73 5.47
N GLU A 280 -11.16 11.64 5.11
CA GLU A 280 -11.59 12.06 3.78
C GLU A 280 -11.38 13.55 3.57
N PHE A 281 -11.58 14.36 4.62
CA PHE A 281 -11.32 15.78 4.52
C PHE A 281 -9.84 16.07 4.27
N LEU A 282 -8.96 15.36 4.97
CA LEU A 282 -7.53 15.61 4.78
C LEU A 282 -7.00 15.07 3.45
N PHE A 283 -7.55 13.96 2.97
CA PHE A 283 -7.17 13.47 1.64
C PHE A 283 -7.66 14.43 0.55
N LEU A 284 -8.88 14.93 0.68
CA LEU A 284 -9.36 15.94 -0.27
C LEU A 284 -8.62 17.25 -0.09
N LEU A 285 -8.11 17.53 1.12
CA LEU A 285 -7.27 18.71 1.31
C LEU A 285 -5.90 18.54 0.66
N GLY A 286 -5.42 17.29 0.57
CA GLY A 286 -4.25 17.04 -0.25
C GLY A 286 -4.50 17.35 -1.71
N ILE A 287 -5.66 16.93 -2.23
CA ILE A 287 -6.05 17.31 -3.58
C ILE A 287 -6.24 18.83 -3.68
N ASN A 288 -6.68 19.46 -2.58
CA ASN A 288 -6.87 20.92 -2.57
C ASN A 288 -5.54 21.65 -2.71
N THR A 289 -4.54 21.23 -1.95
CA THR A 289 -3.23 21.88 -2.04
C THR A 289 -2.57 21.59 -3.38
N TYR A 290 -2.83 20.41 -3.95
CA TYR A 290 -2.37 20.13 -5.31
C TYR A 290 -2.99 21.09 -6.33
N GLY A 291 -4.30 21.33 -6.19
CA GLY A 291 -4.99 22.24 -7.08
C GLY A 291 -4.57 23.69 -6.92
N TRP A 292 -4.28 24.12 -5.69
CA TRP A 292 -3.77 25.48 -5.49
C TRP A 292 -2.33 25.61 -5.97
N ARG A 293 -1.55 24.53 -5.90
CA ARG A 293 -0.16 24.59 -6.31
C ARG A 293 -0.03 24.73 -7.83
N GLN A 294 -0.80 23.94 -8.57
CA GLN A 294 -0.71 23.97 -10.03
C GLN A 294 -1.81 24.82 -10.68
N ALA A 295 -2.15 25.97 -10.09
CA ALA A 295 -3.05 26.89 -10.76
C ALA A 295 -2.67 28.35 -10.51
N GLY A 296 -1.51 28.63 -9.92
CA GLY A 296 -1.13 30.00 -9.65
C GLY A 296 -1.88 30.64 -8.50
N VAL A 297 -2.44 29.83 -7.60
CA VAL A 297 -3.16 30.37 -6.45
C VAL A 297 -2.19 31.02 -5.46
N ASN A 298 -1.07 30.37 -5.19
CA ASN A 298 -0.05 30.81 -4.23
C ASN A 298 -0.66 31.01 -2.84
N HIS A 299 -1.14 29.91 -2.27
CA HIS A 299 -1.83 29.94 -0.99
C HIS A 299 -0.92 30.29 0.18
N VAL A 300 0.41 30.18 0.01
CA VAL A 300 1.33 30.53 1.08
C VAL A 300 1.37 32.03 1.33
N LEU A 301 0.92 32.85 0.38
CA LEU A 301 0.89 34.29 0.58
C LEU A 301 -0.21 34.70 1.54
N ILE A 302 -1.37 34.06 1.45
CA ILE A 302 -2.56 34.50 2.18
C ILE A 302 -2.88 33.65 3.40
N PHE A 303 -2.33 32.44 3.51
CA PHE A 303 -2.43 31.69 4.76
C PHE A 303 -1.46 32.18 5.83
N GLU A 304 -0.57 33.11 5.48
CA GLU A 304 0.49 33.63 6.35
C GLU A 304 1.39 32.49 6.85
N LEU A 305 2.04 31.84 5.90
CA LEU A 305 2.95 30.73 6.15
C LEU A 305 4.36 31.11 5.75
N ASN A 306 5.30 30.23 6.11
CA ASN A 306 6.68 30.40 5.65
C ASN A 306 6.77 29.88 4.22
N PRO A 307 7.07 30.73 3.23
CA PRO A 307 7.13 30.23 1.85
C PRO A 307 8.33 29.36 1.56
N ARG A 308 9.39 29.45 2.36
CA ARG A 308 10.53 28.56 2.19
C ARG A 308 10.25 27.16 2.74
N SER A 309 9.45 27.07 3.81
CA SER A 309 9.10 25.79 4.43
C SER A 309 7.58 25.75 4.59
N ASN A 310 6.89 25.32 3.54
CA ASN A 310 5.45 25.14 3.57
C ASN A 310 5.12 23.66 3.58
N LEU A 311 3.83 23.35 3.48
CA LEU A 311 3.35 21.97 3.45
C LEU A 311 2.87 21.68 2.03
N SER A 312 3.57 20.79 1.34
CA SER A 312 3.17 20.38 0.00
C SER A 312 1.99 19.42 0.09
N HIS A 313 1.44 19.05 -1.07
CA HIS A 313 0.23 18.24 -1.07
C HIS A 313 0.50 16.79 -0.71
N GLN A 314 1.73 16.31 -0.93
CA GLN A 314 2.08 14.95 -0.51
C GLN A 314 2.05 14.81 1.01
N HIS A 315 2.44 15.85 1.75
CA HIS A 315 2.45 15.75 3.20
C HIS A 315 1.04 15.62 3.76
N LEU A 316 0.08 16.37 3.19
CA LEU A 316 -1.33 16.18 3.57
C LEU A 316 -1.84 14.82 3.13
N PHE A 317 -1.41 14.34 1.97
CA PHE A 317 -1.82 13.02 1.48
C PHE A 317 -1.35 11.92 2.42
N GLU A 318 -0.11 11.99 2.90
CA GLU A 318 0.41 10.91 3.72
C GLU A 318 -0.04 11.01 5.18
N ILE A 319 -0.31 12.22 5.68
CA ILE A 319 -0.96 12.34 6.98
C ILE A 319 -2.37 11.75 6.94
N ALA A 320 -3.11 12.07 5.87
CA ALA A 320 -4.45 11.50 5.70
C ALA A 320 -4.40 9.99 5.54
N GLY A 321 -3.42 9.49 4.78
CA GLY A 321 -3.27 8.06 4.62
C GLY A 321 -2.96 7.35 5.93
N PHE A 322 -2.02 7.90 6.71
CA PHE A 322 -1.61 7.28 7.97
C PHE A 322 -2.74 7.25 8.99
N LEU A 323 -3.50 8.34 9.11
CA LEU A 323 -4.69 8.32 9.98
C LEU A 323 -5.74 7.36 9.45
N GLY A 324 -5.81 7.19 8.12
CA GLY A 324 -6.64 6.14 7.57
C GLY A 324 -6.18 4.75 7.94
N ILE A 325 -4.87 4.56 8.12
CA ILE A 325 -4.36 3.24 8.52
C ILE A 325 -4.80 2.93 9.94
N LEU A 326 -4.70 3.92 10.84
CA LEU A 326 -5.25 3.74 12.19
C LEU A 326 -6.75 3.48 12.17
N TRP A 327 -7.49 4.20 11.34
CA TRP A 327 -8.95 4.04 11.32
C TRP A 327 -9.34 2.65 10.83
N CYS A 328 -8.70 2.18 9.76
CA CYS A 328 -9.03 0.87 9.22
C CYS A 328 -8.57 -0.25 10.15
N LEU A 329 -7.42 -0.08 10.81
CA LEU A 329 -6.96 -1.09 11.76
C LEU A 329 -7.86 -1.17 12.99
N SER A 330 -8.33 -0.01 13.48
CA SER A 330 -9.22 -0.03 14.63
C SER A 330 -10.58 -0.61 14.27
N LEU A 331 -11.08 -0.33 13.06
CA LEU A 331 -12.37 -0.87 12.69
C LEU A 331 -12.28 -2.36 12.37
N LEU A 332 -11.13 -2.83 11.86
CA LEU A 332 -10.90 -4.26 11.72
C LEU A 332 -10.75 -4.93 13.07
N ALA A 333 -10.20 -4.22 14.06
CA ALA A 333 -10.16 -4.76 15.41
C ALA A 333 -11.55 -4.85 16.02
N CYS A 334 -12.44 -3.92 15.65
CA CYS A 334 -13.84 -4.04 16.05
C CYS A 334 -14.52 -5.22 15.36
N PHE A 335 -14.18 -5.50 14.11
CA PHE A 335 -14.72 -6.70 13.44
C PHE A 335 -14.04 -7.96 13.95
N PHE A 336 -12.75 -8.10 13.70
CA PHE A 336 -11.98 -9.25 14.16
C PHE A 336 -11.46 -8.92 15.56
N ALA A 337 -12.18 -9.38 16.57
CA ALA A 337 -11.80 -9.07 17.95
C ALA A 337 -10.63 -9.94 18.38
N PRO A 338 -9.56 -9.36 18.93
CA PRO A 338 -8.51 -10.17 19.56
C PRO A 338 -8.92 -10.76 20.89
N ILE A 339 -7.94 -11.33 21.62
CA ILE A 339 -8.17 -12.12 22.82
C ILE A 339 -8.85 -11.32 23.93
N SER A 340 -9.40 -12.02 24.93
CA SER A 340 -10.37 -11.46 25.87
C SER A 340 -9.77 -10.48 26.86
N VAL A 341 -8.44 -10.32 26.89
CA VAL A 341 -7.84 -9.34 27.81
C VAL A 341 -8.20 -7.92 27.40
N ILE A 342 -8.27 -7.64 26.09
CA ILE A 342 -8.64 -6.33 25.58
C ILE A 342 -10.01 -6.46 24.91
N PRO A 343 -11.06 -5.85 25.45
CA PRO A 343 -12.38 -5.93 24.81
C PRO A 343 -12.45 -5.02 23.59
N THR A 344 -13.59 -5.10 22.90
CA THR A 344 -13.75 -4.41 21.62
C THR A 344 -14.05 -2.92 21.77
N TYR A 345 -14.29 -2.46 22.97
CA TYR A 345 -14.66 -1.07 23.09
C TYR A 345 -13.45 -0.16 23.12
N VAL A 346 -12.32 -0.62 23.61
CA VAL A 346 -11.19 0.26 23.72
C VAL A 346 -10.68 0.73 22.37
N TYR A 347 -10.67 -0.12 21.36
CA TYR A 347 -10.12 0.25 20.06
C TYR A 347 -10.60 1.60 19.49
N PRO A 348 -11.89 2.00 19.59
CA PRO A 348 -12.19 3.40 19.25
C PRO A 348 -11.50 4.44 20.11
N LEU A 349 -11.31 4.18 21.42
CA LEU A 349 -10.52 5.10 22.23
C LEU A 349 -9.04 5.04 21.87
N ALA A 350 -8.54 3.88 21.45
CA ALA A 350 -7.17 3.81 20.93
C ALA A 350 -7.03 4.64 19.66
N LEU A 351 -8.04 4.59 18.79
CA LEU A 351 -8.07 5.41 17.58
C LEU A 351 -8.05 6.90 17.90
N TYR A 352 -9.05 7.37 18.64
CA TYR A 352 -9.17 8.81 18.85
C TYR A 352 -8.09 9.32 19.79
N GLY A 353 -7.68 8.51 20.76
CA GLY A 353 -6.59 8.90 21.64
C GLY A 353 -5.26 9.00 20.93
N PHE A 354 -4.98 8.09 19.98
CA PHE A 354 -3.73 8.21 19.26
C PHE A 354 -3.77 9.32 18.23
N MET A 355 -4.96 9.64 17.70
CA MET A 355 -5.10 10.83 16.85
C MET A 355 -4.82 12.10 17.65
N VAL A 356 -5.36 12.20 18.87
CA VAL A 356 -5.07 13.34 19.72
C VAL A 356 -3.60 13.37 20.11
N PHE A 357 -3.02 12.23 20.47
CA PHE A 357 -1.61 12.17 20.86
C PHE A 357 -0.70 12.49 19.69
N PHE A 358 -1.10 12.15 18.47
CA PHE A 358 -0.41 12.64 17.29
C PHE A 358 -0.54 14.15 17.18
N LEU A 359 -1.71 14.70 17.52
CA LEU A 359 -1.95 16.13 17.36
C LEU A 359 -1.17 16.97 18.36
N ILE A 360 -1.04 16.50 19.61
CA ILE A 360 -0.43 17.32 20.65
C ILE A 360 0.92 16.73 21.08
N ASN A 361 1.61 16.10 20.13
CA ASN A 361 2.97 15.60 20.36
C ASN A 361 3.89 16.76 20.68
N PRO A 362 4.52 16.78 21.88
CA PRO A 362 5.19 17.99 22.36
C PRO A 362 6.45 18.41 21.60
N THR A 363 7.39 17.49 21.38
CA THR A 363 8.68 17.89 20.82
C THR A 363 9.22 16.94 19.77
N LYS A 364 8.45 15.93 19.36
CA LYS A 364 8.95 14.96 18.40
C LYS A 364 9.00 15.55 17.00
N THR A 365 9.58 14.78 16.08
CA THR A 365 9.76 15.22 14.70
C THR A 365 8.52 15.00 13.84
N PHE A 366 7.45 14.44 14.41
CA PHE A 366 6.22 14.15 13.66
C PHE A 366 5.47 15.46 13.44
N TYR A 367 5.95 16.23 12.45
CA TYR A 367 5.40 17.53 12.05
C TYR A 367 5.40 18.52 13.21
N TYR A 368 6.61 18.88 13.64
CA TYR A 368 6.73 19.86 14.72
C TYR A 368 6.32 21.25 14.26
N LYS A 369 6.74 21.64 13.05
CA LYS A 369 6.57 23.02 12.60
C LYS A 369 5.14 23.33 12.20
N SER A 370 4.49 22.43 11.48
CA SER A 370 3.18 22.70 10.91
C SER A 370 2.04 22.43 11.89
N ARG A 371 2.15 21.36 12.67
CA ARG A 371 1.05 20.96 13.53
C ARG A 371 0.94 21.85 14.77
N PHE A 372 2.04 22.44 15.22
CA PHE A 372 1.91 23.43 16.29
C PHE A 372 1.33 24.73 15.78
N TRP A 373 1.54 25.05 14.49
CA TRP A 373 0.78 26.13 13.87
C TRP A 373 -0.70 25.80 13.84
N LEU A 374 -1.02 24.53 13.59
CA LEU A 374 -2.41 24.07 13.65
C LEU A 374 -2.97 24.18 15.08
N LEU A 375 -2.16 23.86 16.09
CA LEU A 375 -2.63 23.96 17.48
C LEU A 375 -2.85 25.41 17.90
N LYS A 376 -1.95 26.32 17.52
CA LYS A 376 -2.16 27.73 17.81
C LYS A 376 -3.35 28.28 17.03
N LEU A 377 -3.57 27.77 15.81
CA LEU A 377 -4.75 28.14 15.05
C LEU A 377 -6.02 27.66 15.73
N LEU A 378 -6.01 26.43 16.25
CA LEU A 378 -7.18 25.90 16.95
C LEU A 378 -7.43 26.63 18.26
N PHE A 379 -6.37 27.05 18.95
CA PHE A 379 -6.54 27.83 20.17
C PHE A 379 -7.12 29.21 19.87
N ARG A 380 -6.69 29.83 18.76
CA ARG A 380 -7.25 31.11 18.38
C ARG A 380 -8.66 31.00 17.80
N VAL A 381 -9.01 29.83 17.23
CA VAL A 381 -10.34 29.66 16.65
C VAL A 381 -11.36 29.33 17.74
N PHE A 382 -11.03 28.38 18.62
CA PHE A 382 -11.95 27.99 19.69
C PHE A 382 -12.12 29.07 20.75
N THR A 383 -11.24 30.07 20.80
CA THR A 383 -11.44 31.28 21.58
C THR A 383 -11.56 32.44 20.59
N ALA A 384 -12.79 32.64 20.10
CA ALA A 384 -13.09 33.65 19.09
C ALA A 384 -12.90 35.10 19.57
N PRO A 385 -13.30 35.53 20.78
CA PRO A 385 -12.96 36.89 21.21
C PRO A 385 -11.47 37.05 21.47
N PHE A 386 -11.05 38.33 21.45
CA PHE A 386 -9.73 38.85 21.82
C PHE A 386 -8.65 38.53 20.78
N HIS A 387 -8.99 37.70 19.80
CA HIS A 387 -8.05 37.29 18.75
C HIS A 387 -8.51 37.86 17.42
N LYS A 388 -7.66 38.66 16.80
CA LYS A 388 -7.95 39.17 15.47
C LYS A 388 -7.86 38.05 14.44
N VAL A 389 -8.90 37.91 13.62
CA VAL A 389 -8.94 36.85 12.64
C VAL A 389 -8.10 37.23 11.43
N GLY A 390 -7.25 36.31 11.00
CA GLY A 390 -6.53 36.42 9.76
C GLY A 390 -7.31 35.81 8.62
N PHE A 391 -6.64 34.98 7.82
CA PHE A 391 -7.37 34.17 6.86
C PHE A 391 -7.44 32.70 7.27
N ALA A 392 -6.34 32.16 7.82
CA ALA A 392 -6.31 30.75 8.20
C ALA A 392 -7.26 30.47 9.36
N ASP A 393 -7.44 31.45 10.25
CA ASP A 393 -8.45 31.36 11.29
C ASP A 393 -9.85 31.22 10.69
N PHE A 394 -10.18 32.11 9.74
CA PHE A 394 -11.47 32.04 9.06
C PHE A 394 -11.58 30.77 8.23
N TRP A 395 -10.50 30.37 7.58
CA TRP A 395 -10.53 29.20 6.70
C TRP A 395 -10.83 27.92 7.47
N LEU A 396 -10.16 27.71 8.60
CA LEU A 396 -10.45 26.50 9.36
C LEU A 396 -11.72 26.63 10.19
N ALA A 397 -12.13 27.85 10.55
CA ALA A 397 -13.46 28.00 11.16
C ALA A 397 -14.57 27.71 10.17
N ASP A 398 -14.32 27.88 8.88
CA ASP A 398 -15.23 27.38 7.86
C ASP A 398 -15.01 25.90 7.57
N GLN A 399 -13.86 25.34 7.96
CA GLN A 399 -13.68 23.90 7.86
C GLN A 399 -14.42 23.14 8.94
N LEU A 400 -14.65 23.76 10.10
CA LEU A 400 -15.51 23.14 11.11
C LEU A 400 -16.97 23.20 10.71
N ASN A 401 -17.33 24.07 9.77
CA ASN A 401 -18.71 24.12 9.27
C ASN A 401 -19.09 22.87 8.49
N SER A 402 -18.12 22.16 7.92
CA SER A 402 -18.38 20.91 7.23
C SER A 402 -17.87 19.70 8.01
N LEU A 403 -17.24 19.91 9.15
CA LEU A 403 -16.79 18.83 10.02
C LEU A 403 -17.47 18.91 11.39
N SER A 404 -18.74 19.34 11.41
CA SER A 404 -19.50 19.34 12.64
C SER A 404 -19.85 17.93 13.11
N VAL A 405 -19.83 16.97 12.20
CA VAL A 405 -20.20 15.60 12.53
C VAL A 405 -19.11 14.94 13.37
N ILE A 406 -17.86 15.43 13.27
CA ILE A 406 -16.79 14.96 14.15
C ILE A 406 -17.10 15.29 15.60
N LEU A 407 -17.57 16.52 15.85
CA LEU A 407 -18.00 16.89 17.20
C LEU A 407 -19.24 16.14 17.62
N MET A 408 -20.17 15.90 16.68
CA MET A 408 -21.36 15.10 16.99
C MET A 408 -21.00 13.68 17.38
N ASP A 409 -20.07 13.07 16.64
CA ASP A 409 -19.70 11.69 16.91
C ASP A 409 -18.84 11.56 18.16
N LEU A 410 -18.07 12.60 18.50
CA LEU A 410 -17.39 12.59 19.80
C LEU A 410 -18.41 12.71 20.94
N GLU A 411 -19.42 13.55 20.78
CA GLU A 411 -20.48 13.66 21.78
C GLU A 411 -21.30 12.38 21.88
N TYR A 412 -21.56 11.73 20.74
CA TYR A 412 -22.23 10.45 20.76
C TYR A 412 -21.36 9.37 21.37
N MET A 413 -20.04 9.47 21.22
CA MET A 413 -19.15 8.52 21.86
C MET A 413 -19.18 8.69 23.38
N ILE A 414 -19.26 9.93 23.85
CA ILE A 414 -19.44 10.17 25.29
C ILE A 414 -20.80 9.63 25.76
N CYS A 415 -21.85 9.85 24.98
CA CYS A 415 -23.18 9.35 25.34
C CYS A 415 -23.22 7.82 25.33
N PHE A 416 -22.60 7.20 24.34
CA PHE A 416 -22.60 5.74 24.24
C PHE A 416 -21.72 5.10 25.29
N TYR A 417 -20.63 5.75 25.69
CA TYR A 417 -19.80 5.17 26.74
C TYR A 417 -20.31 5.52 28.13
N SER A 418 -21.24 6.45 28.25
CA SER A 418 -22.02 6.56 29.48
C SER A 418 -23.15 5.54 29.49
N LEU A 419 -23.62 5.14 28.31
CA LEU A 419 -24.66 4.12 28.20
C LEU A 419 -24.11 2.72 28.47
N GLU A 420 -22.91 2.42 27.97
CA GLU A 420 -22.36 1.07 27.99
C GLU A 420 -20.94 1.07 28.56
N LEU A 421 -20.76 1.73 29.70
CA LEU A 421 -19.49 1.59 30.41
C LEU A 421 -19.38 0.24 31.12
N LYS A 422 -20.52 -0.39 31.41
CA LYS A 422 -20.53 -1.76 31.93
C LYS A 422 -20.03 -2.69 30.83
N TRP A 423 -18.87 -3.30 31.06
CA TRP A 423 -18.12 -3.90 29.96
C TRP A 423 -18.68 -5.25 29.51
N ASP A 424 -18.96 -6.14 30.47
CA ASP A 424 -19.33 -7.55 30.30
C ASP A 424 -18.27 -8.40 29.59
N GLU A 425 -17.12 -7.79 29.25
CA GLU A 425 -15.96 -8.41 28.60
C GLU A 425 -16.28 -9.10 27.26
N SER A 426 -17.43 -8.82 26.66
CA SER A 426 -17.80 -9.42 25.38
C SER A 426 -17.96 -8.39 24.28
N LYS A 427 -18.86 -7.41 24.44
CA LYS A 427 -19.19 -6.47 23.36
C LYS A 427 -19.50 -5.10 23.99
N GLY A 428 -18.48 -4.24 24.04
CA GLY A 428 -18.71 -2.84 24.32
C GLY A 428 -19.39 -2.18 23.15
N LEU A 429 -18.70 -2.18 22.01
CA LEU A 429 -19.34 -1.85 20.75
C LEU A 429 -20.24 -3.00 20.29
N LEU A 430 -21.12 -2.68 19.32
CA LEU A 430 -22.09 -3.58 18.72
C LEU A 430 -22.97 -4.26 19.76
N PRO A 431 -23.90 -3.55 20.39
CA PRO A 431 -24.77 -4.16 21.39
C PRO A 431 -25.88 -4.97 20.72
N ASN A 432 -26.78 -5.50 21.54
CA ASN A 432 -27.85 -6.36 21.07
C ASN A 432 -28.92 -5.50 20.38
N ASN A 433 -29.94 -6.14 19.82
CA ASN A 433 -31.02 -5.44 19.10
C ASN A 433 -31.83 -4.51 20.01
N SER A 434 -31.82 -4.74 21.32
CA SER A 434 -32.32 -3.74 22.25
C SER A 434 -31.33 -2.59 22.31
N GLU A 435 -31.77 -1.40 21.88
CA GLU A 435 -30.88 -0.25 21.76
C GLU A 435 -30.51 0.38 23.09
N GLU A 436 -31.19 -0.01 24.18
CA GLU A 436 -30.94 0.49 25.55
C GLU A 436 -31.09 2.00 25.63
N SER A 437 -32.05 2.55 24.88
CA SER A 437 -32.42 3.97 24.87
C SER A 437 -31.23 4.86 24.48
N GLY A 438 -30.75 4.66 23.25
CA GLY A 438 -29.69 5.50 22.73
C GLY A 438 -30.11 6.89 22.32
N ILE A 439 -31.43 7.13 22.21
CA ILE A 439 -31.95 8.47 21.92
C ILE A 439 -32.29 9.24 23.18
N CYS A 440 -32.27 8.59 24.34
CA CYS A 440 -32.63 9.22 25.61
C CYS A 440 -31.37 9.58 26.39
N HIS A 441 -31.31 10.82 26.87
CA HIS A 441 -30.16 11.31 27.62
C HIS A 441 -30.63 12.48 28.47
N LYS A 442 -29.70 13.06 29.23
CA LYS A 442 -30.01 14.29 29.95
C LYS A 442 -30.08 15.45 28.97
N TYR A 443 -31.13 16.27 29.08
CA TYR A 443 -31.45 17.37 28.16
C TYR A 443 -31.57 16.87 26.73
N THR A 444 -32.64 16.08 26.51
CA THR A 444 -32.95 15.55 25.19
C THR A 444 -33.14 16.66 24.17
N TYR A 445 -32.38 16.56 23.06
CA TYR A 445 -32.28 17.59 22.02
C TYR A 445 -31.86 18.93 22.62
N GLY A 446 -30.98 18.87 23.61
CA GLY A 446 -30.52 20.03 24.33
C GLY A 446 -29.09 20.39 24.01
N VAL A 447 -28.16 19.91 24.85
CA VAL A 447 -26.73 20.12 24.65
C VAL A 447 -26.22 19.42 23.39
N ARG A 448 -26.97 18.45 22.86
CA ARG A 448 -26.64 17.87 21.56
C ARG A 448 -26.71 18.92 20.46
N ALA A 449 -27.72 19.79 20.50
CA ALA A 449 -27.79 20.90 19.56
C ALA A 449 -26.68 21.92 19.81
N ILE A 450 -26.21 22.04 21.06
CA ILE A 450 -25.10 22.95 21.35
C ILE A 450 -23.81 22.43 20.72
N VAL A 451 -23.55 21.13 20.87
CA VAL A 451 -22.37 20.51 20.25
C VAL A 451 -22.51 20.51 18.73
N GLN A 452 -23.75 20.42 18.23
CA GLN A 452 -24.03 20.66 16.82
C GLN A 452 -23.60 22.06 16.38
N CYS A 453 -24.06 23.08 17.09
CA CYS A 453 -23.96 24.44 16.59
C CYS A 453 -22.70 25.17 17.02
N ILE A 454 -21.83 24.51 17.79
CA ILE A 454 -20.61 25.17 18.25
C ILE A 454 -19.64 25.52 17.11
N PRO A 455 -19.56 24.82 15.94
CA PRO A 455 -18.78 25.42 14.85
C PRO A 455 -19.45 26.63 14.23
N ALA A 456 -20.76 26.57 14.01
CA ALA A 456 -21.49 27.72 13.49
C ALA A 456 -21.45 28.89 14.45
N TRP A 457 -21.51 28.60 15.75
CA TRP A 457 -21.43 29.67 16.75
C TRP A 457 -20.05 30.33 16.75
N LEU A 458 -18.98 29.53 16.69
CA LEU A 458 -17.64 30.12 16.73
C LEU A 458 -17.36 30.91 15.46
N ARG A 459 -17.85 30.44 14.32
CA ARG A 459 -17.70 31.20 13.08
C ARG A 459 -18.54 32.47 13.10
N PHE A 460 -19.72 32.44 13.73
CA PHE A 460 -20.53 33.64 13.88
C PHE A 460 -19.84 34.69 14.74
N ILE A 461 -19.30 34.28 15.89
CA ILE A 461 -18.59 35.23 16.76
C ILE A 461 -17.30 35.69 16.11
N GLN A 462 -16.64 34.82 15.33
CA GLN A 462 -15.44 35.21 14.60
C GLN A 462 -15.74 36.27 13.56
N CYS A 463 -16.85 36.13 12.84
CA CYS A 463 -17.25 37.15 11.88
C CYS A 463 -17.69 38.43 12.58
N LEU A 464 -18.27 38.31 13.78
CA LEU A 464 -18.61 39.50 14.56
C LEU A 464 -17.37 40.23 15.06
N ARG A 465 -16.31 39.49 15.42
CA ARG A 465 -15.05 40.13 15.79
C ARG A 465 -14.41 40.79 14.59
N ARG A 466 -14.55 40.19 13.40
CA ARG A 466 -14.09 40.86 12.19
C ARG A 466 -14.92 42.11 11.89
N TYR A 467 -16.20 42.11 12.27
CA TYR A 467 -16.98 43.34 12.18
C TYR A 467 -16.52 44.39 13.19
N ARG A 468 -16.07 43.96 14.37
CA ARG A 468 -15.56 44.92 15.35
C ARG A 468 -14.23 45.51 14.89
N ASP A 469 -13.43 44.73 14.16
CA ASP A 469 -12.16 45.24 13.65
C ASP A 469 -12.35 46.09 12.40
N THR A 470 -12.88 45.49 11.33
CA THR A 470 -12.92 46.13 10.02
C THR A 470 -14.00 47.20 9.94
N LYS A 471 -15.18 46.93 10.52
CA LYS A 471 -16.37 47.79 10.46
C LYS A 471 -16.79 48.07 9.01
N ARG A 472 -16.86 47.01 8.21
CA ARG A 472 -17.39 47.07 6.86
C ARG A 472 -18.58 46.14 6.77
N ALA A 473 -19.70 46.64 6.23
CA ALA A 473 -20.99 45.98 6.42
C ALA A 473 -21.18 44.79 5.49
N PHE A 474 -21.06 45.02 4.17
CA PHE A 474 -21.49 44.01 3.19
C PHE A 474 -20.73 42.68 3.22
N PRO A 475 -19.40 42.60 3.36
CA PRO A 475 -18.80 41.25 3.49
C PRO A 475 -18.96 40.63 4.87
N HIS A 476 -19.62 41.28 5.82
CA HIS A 476 -19.60 40.80 7.20
C HIS A 476 -20.98 40.40 7.71
N LEU A 477 -21.95 41.32 7.68
CA LEU A 477 -23.28 41.00 8.21
C LEU A 477 -24.01 40.00 7.32
N VAL A 478 -23.78 40.07 6.01
CA VAL A 478 -24.28 39.02 5.12
C VAL A 478 -23.57 37.70 5.40
N ASN A 479 -22.27 37.77 5.73
CA ASN A 479 -21.54 36.57 6.13
C ASN A 479 -21.98 36.08 7.51
N ALA A 480 -22.36 36.98 8.40
CA ALA A 480 -22.85 36.56 9.71
C ALA A 480 -24.24 35.94 9.60
N GLY A 481 -25.02 36.36 8.61
CA GLY A 481 -26.37 35.84 8.45
C GLY A 481 -26.40 34.38 8.07
N LYS A 482 -25.43 33.92 7.29
CA LYS A 482 -25.45 32.55 6.79
C LYS A 482 -25.10 31.51 7.86
N TYR A 483 -24.59 31.94 9.01
CA TYR A 483 -24.45 31.06 10.16
C TYR A 483 -25.48 31.33 11.25
N SER A 484 -26.01 32.55 11.33
CA SER A 484 -27.16 32.79 12.19
C SER A 484 -28.39 32.02 11.70
N THR A 485 -28.50 31.81 10.38
CA THR A 485 -29.59 31.00 9.84
C THR A 485 -29.48 29.54 10.30
N THR A 486 -28.27 28.98 10.30
CA THR A 486 -28.06 27.63 10.82
C THR A 486 -28.36 27.56 12.31
N PHE A 487 -27.94 28.59 13.05
CA PHE A 487 -28.19 28.68 14.49
C PHE A 487 -29.67 28.72 14.81
N PHE A 488 -30.46 29.42 13.98
CA PHE A 488 -31.91 29.40 14.16
C PHE A 488 -32.53 28.10 13.69
N MET A 489 -32.06 27.56 12.55
CA MET A 489 -32.75 26.45 11.89
C MET A 489 -32.65 25.16 12.68
N VAL A 490 -31.47 24.86 13.23
CA VAL A 490 -31.32 23.63 13.99
C VAL A 490 -32.09 23.73 15.31
N THR A 491 -32.11 24.91 15.92
CA THR A 491 -32.86 25.12 17.16
C THR A 491 -34.36 24.95 16.94
N PHE A 492 -34.89 25.52 15.86
CA PHE A 492 -36.31 25.36 15.57
C PHE A 492 -36.66 23.94 15.17
N ALA A 493 -35.76 23.26 14.44
CA ALA A 493 -35.99 21.85 14.13
C ALA A 493 -35.89 20.96 15.37
N ALA A 494 -35.05 21.34 16.34
CA ALA A 494 -34.94 20.58 17.57
C ALA A 494 -36.19 20.74 18.43
N LEU A 495 -36.74 21.96 18.50
CA LEU A 495 -38.02 22.14 19.17
C LEU A 495 -39.16 21.44 18.43
N TYR A 496 -39.09 21.36 17.09
CA TYR A 496 -40.02 20.51 16.36
C TYR A 496 -39.89 19.04 16.75
N SER A 497 -38.65 18.57 16.89
CA SER A 497 -38.43 17.15 17.18
C SER A 497 -38.89 16.80 18.59
N THR A 498 -38.66 17.68 19.56
CA THR A 498 -39.11 17.40 20.92
C THR A 498 -40.57 17.79 21.15
N HIS A 499 -41.21 18.49 20.21
CA HIS A 499 -42.65 18.72 20.29
C HIS A 499 -43.41 17.90 19.25
N LYS A 500 -42.77 16.88 18.67
CA LYS A 500 -43.47 15.90 17.85
C LYS A 500 -43.70 14.61 18.64
N GLU A 501 -42.62 14.01 19.16
CA GLU A 501 -42.74 12.80 19.96
C GLU A 501 -43.25 13.10 21.36
N ARG A 502 -42.81 14.20 21.96
CA ARG A 502 -43.14 14.55 23.33
C ARG A 502 -44.09 15.74 23.33
N GLY A 503 -45.12 15.67 24.17
CA GLY A 503 -46.08 16.75 24.26
C GLY A 503 -47.14 16.65 23.18
N HIS A 504 -47.76 17.81 22.90
CA HIS A 504 -48.83 17.86 21.92
C HIS A 504 -48.28 17.73 20.51
N SER A 505 -48.74 16.72 19.79
CA SER A 505 -48.30 16.47 18.41
C SER A 505 -49.28 17.08 17.42
N ASP A 506 -49.47 18.39 17.53
CA ASP A 506 -50.31 19.14 16.61
C ASP A 506 -49.49 19.91 15.57
N THR A 507 -48.18 19.66 15.52
CA THR A 507 -47.29 20.43 14.64
C THR A 507 -47.26 19.80 13.24
N MET A 508 -48.39 19.89 12.56
CA MET A 508 -48.47 19.51 11.16
C MET A 508 -48.43 20.71 10.22
N VAL A 509 -48.81 21.90 10.71
CA VAL A 509 -48.75 23.13 9.93
C VAL A 509 -48.08 24.18 10.82
N PHE A 510 -47.88 23.82 12.09
CA PHE A 510 -47.32 24.76 13.06
C PHE A 510 -45.87 25.11 12.74
N PHE A 511 -45.09 24.11 12.33
CA PHE A 511 -43.71 24.33 11.90
C PHE A 511 -43.53 24.05 10.42
N TYR A 512 -44.62 24.13 9.63
CA TYR A 512 -44.51 24.05 8.19
C TYR A 512 -43.88 25.31 7.62
N LEU A 513 -44.03 26.45 8.31
CA LEU A 513 -43.34 27.67 7.95
C LEU A 513 -41.83 27.55 8.15
N TRP A 514 -41.38 26.67 9.04
CA TRP A 514 -39.96 26.45 9.30
C TRP A 514 -39.35 25.38 8.39
N ILE A 515 -40.03 25.01 7.32
CA ILE A 515 -39.37 24.37 6.19
C ILE A 515 -39.23 25.33 5.01
N VAL A 516 -40.12 26.31 4.88
CA VAL A 516 -39.92 27.39 3.91
C VAL A 516 -38.84 28.34 4.40
N PHE A 517 -38.83 28.65 5.71
CA PHE A 517 -37.73 29.38 6.31
C PHE A 517 -36.42 28.61 6.18
N TYR A 518 -36.50 27.28 6.28
CA TYR A 518 -35.33 26.43 6.07
C TYR A 518 -34.84 26.51 4.63
N ILE A 519 -35.77 26.54 3.67
CA ILE A 519 -35.42 26.66 2.26
C ILE A 519 -34.76 27.99 1.99
N ILE A 520 -35.28 29.07 2.58
CA ILE A 520 -34.66 30.38 2.45
C ILE A 520 -33.30 30.40 3.13
N SER A 521 -33.17 29.74 4.28
CA SER A 521 -31.91 29.68 5.01
C SER A 521 -30.86 28.82 4.32
N SER A 522 -31.26 27.91 3.44
CA SER A 522 -30.30 27.16 2.64
C SER A 522 -29.94 27.89 1.35
N CYS A 523 -30.93 28.53 0.72
CA CYS A 523 -30.65 29.30 -0.48
C CYS A 523 -29.83 30.55 -0.16
N TYR A 524 -29.96 31.09 1.05
CA TYR A 524 -29.14 32.22 1.47
C TYR A 524 -27.67 31.84 1.53
N THR A 525 -27.36 30.69 2.14
CA THR A 525 -25.99 30.19 2.16
C THR A 525 -25.53 29.79 0.78
N LEU A 526 -26.44 29.30 -0.08
CA LEU A 526 -26.05 28.88 -1.42
C LEU A 526 -25.71 30.07 -2.30
N ILE A 527 -26.50 31.15 -2.22
CA ILE A 527 -26.21 32.36 -2.99
C ILE A 527 -24.95 33.04 -2.45
N TRP A 528 -24.75 33.03 -1.13
CA TRP A 528 -23.49 33.52 -0.57
C TRP A 528 -22.31 32.67 -1.02
N ASP A 529 -22.51 31.35 -1.11
CA ASP A 529 -21.48 30.45 -1.59
C ASP A 529 -21.19 30.62 -3.08
N LEU A 530 -22.15 31.15 -3.84
CA LEU A 530 -22.00 31.21 -5.28
C LEU A 530 -21.78 32.62 -5.83
N LYS A 531 -21.82 33.66 -4.99
CA LYS A 531 -21.72 35.01 -5.51
C LYS A 531 -20.56 35.84 -5.01
N MET A 532 -20.13 35.69 -3.75
CA MET A 532 -19.13 36.65 -3.29
C MET A 532 -17.85 36.00 -2.75
N ASP A 533 -17.94 34.81 -2.15
CA ASP A 533 -16.70 34.12 -1.81
C ASP A 533 -16.12 33.37 -3.00
N TRP A 534 -16.91 33.16 -4.03
CA TRP A 534 -16.44 32.61 -5.29
C TRP A 534 -16.39 33.66 -6.39
N GLY A 535 -17.28 34.65 -6.35
CA GLY A 535 -17.39 35.66 -7.38
C GLY A 535 -17.75 35.08 -8.73
N LEU A 536 -18.56 34.02 -8.73
CA LEU A 536 -18.49 33.06 -9.83
C LEU A 536 -19.28 33.51 -11.06
N PHE A 537 -20.36 34.28 -10.90
CA PHE A 537 -20.95 34.94 -12.06
C PHE A 537 -21.35 36.35 -11.66
N ASP A 538 -20.68 37.33 -12.26
CA ASP A 538 -20.94 38.75 -12.03
C ASP A 538 -21.03 39.42 -13.39
N LYS A 539 -22.22 39.95 -13.72
CA LYS A 539 -22.37 40.69 -14.96
C LYS A 539 -21.69 42.06 -14.90
N ASN A 540 -21.41 42.56 -13.70
CA ASN A 540 -20.61 43.76 -13.53
C ASN A 540 -19.14 43.40 -13.72
N ALA A 541 -18.60 43.76 -14.89
CA ALA A 541 -17.20 43.52 -15.28
C ALA A 541 -16.83 42.03 -15.23
N GLY A 542 -17.68 41.22 -15.85
CA GLY A 542 -17.39 39.81 -16.06
C GLY A 542 -17.19 39.52 -17.54
N GLU A 543 -16.47 38.42 -17.80
CA GLU A 543 -16.14 38.07 -19.17
C GLU A 543 -17.38 37.51 -19.86
N ASN A 544 -17.59 37.89 -21.12
CA ASN A 544 -18.89 37.66 -21.76
C ASN A 544 -19.11 36.20 -22.12
N THR A 545 -18.09 35.51 -22.64
CA THR A 545 -18.28 34.15 -23.12
C THR A 545 -18.26 33.10 -22.02
N PHE A 546 -17.98 33.48 -20.78
CA PHE A 546 -18.05 32.56 -19.64
C PHE A 546 -19.10 33.08 -18.67
N LEU A 547 -20.35 32.66 -18.87
CA LEU A 547 -21.39 32.91 -17.88
C LEU A 547 -21.20 32.02 -16.66
N ARG A 548 -20.61 30.85 -16.85
CA ARG A 548 -20.35 29.93 -15.74
C ARG A 548 -19.30 30.51 -14.78
N GLU A 549 -18.26 31.12 -15.32
CA GLU A 549 -17.10 31.53 -14.53
C GLU A 549 -16.95 33.05 -14.53
N GLU A 550 -15.88 33.51 -13.87
CA GLU A 550 -15.65 34.93 -13.64
C GLU A 550 -14.90 35.55 -14.81
N ILE A 551 -14.39 36.77 -14.62
CA ILE A 551 -13.73 37.49 -15.71
C ILE A 551 -12.38 36.85 -16.04
N VAL A 552 -11.60 36.47 -15.04
CA VAL A 552 -10.36 35.74 -15.24
C VAL A 552 -10.34 34.59 -14.24
N TYR A 553 -9.93 33.41 -14.71
CA TYR A 553 -10.02 32.19 -13.92
C TYR A 553 -8.67 31.49 -13.91
N PRO A 554 -8.17 31.10 -12.74
CA PRO A 554 -6.89 30.39 -12.69
C PRO A 554 -6.91 28.86 -12.85
N GLN A 555 -8.05 28.20 -12.67
CA GLN A 555 -8.16 26.80 -13.06
C GLN A 555 -8.18 26.71 -14.57
N LYS A 556 -7.74 25.56 -15.10
CA LYS A 556 -7.69 25.40 -16.54
C LYS A 556 -9.07 25.06 -17.08
N ALA A 557 -9.13 24.79 -18.40
CA ALA A 557 -10.39 24.84 -19.14
C ALA A 557 -11.36 23.75 -18.72
N TYR A 558 -10.89 22.51 -18.65
CA TYR A 558 -11.75 21.43 -18.15
C TYR A 558 -11.78 21.46 -16.62
N TYR A 559 -12.52 20.53 -16.04
CA TYR A 559 -12.88 20.48 -14.62
C TYR A 559 -13.53 21.81 -14.21
N TYR A 560 -14.70 22.02 -14.82
CA TYR A 560 -15.39 23.31 -14.79
C TYR A 560 -15.83 23.71 -13.39
N CYS A 561 -16.16 24.99 -13.25
CA CYS A 561 -16.64 25.54 -11.99
C CYS A 561 -18.04 25.01 -11.71
N ALA A 562 -18.12 23.99 -10.86
CA ALA A 562 -19.34 23.21 -10.68
C ALA A 562 -20.32 23.99 -9.83
N ILE A 563 -21.31 24.61 -10.48
CA ILE A 563 -22.47 25.09 -9.74
C ILE A 563 -23.43 23.96 -9.41
N ILE A 564 -23.34 22.84 -10.14
CA ILE A 564 -24.26 21.73 -9.93
C ILE A 564 -23.87 20.93 -8.70
N GLU A 565 -22.58 20.61 -8.56
CA GLU A 565 -22.08 19.88 -7.40
C GLU A 565 -22.13 20.70 -6.12
N ASP A 566 -22.40 22.01 -6.20
CA ASP A 566 -22.69 22.80 -5.02
C ASP A 566 -24.18 23.00 -4.79
N VAL A 567 -24.98 23.16 -5.86
CA VAL A 567 -26.42 23.38 -5.67
C VAL A 567 -27.09 22.10 -5.20
N ILE A 568 -26.50 20.93 -5.47
CA ILE A 568 -27.06 19.69 -4.96
C ILE A 568 -26.55 19.43 -3.55
N LEU A 569 -25.24 19.56 -3.34
CA LEU A 569 -24.65 19.13 -2.08
C LEU A 569 -24.80 20.15 -0.96
N ARG A 570 -25.09 21.42 -1.26
CA ARG A 570 -25.55 22.32 -0.20
C ARG A 570 -26.89 21.88 0.34
N PHE A 571 -27.80 21.47 -0.55
CA PHE A 571 -29.07 20.90 -0.14
C PHE A 571 -28.87 19.59 0.60
N ALA A 572 -27.93 18.76 0.13
CA ALA A 572 -27.64 17.49 0.80
C ALA A 572 -27.08 17.73 2.21
N TRP A 573 -26.20 18.72 2.34
CA TRP A 573 -25.65 19.07 3.65
C TRP A 573 -26.73 19.60 4.58
N THR A 574 -27.68 20.37 4.05
CA THR A 574 -28.66 20.95 4.97
C THR A 574 -29.78 19.97 5.33
N ILE A 575 -30.15 19.04 4.42
CA ILE A 575 -30.97 17.88 4.81
C ILE A 575 -30.27 17.09 5.90
N GLN A 576 -28.97 16.81 5.71
CA GLN A 576 -28.25 15.96 6.64
C GLN A 576 -28.09 16.65 7.99
N ILE A 577 -27.85 17.97 8.00
CA ILE A 577 -27.59 18.66 9.26
C ILE A 577 -28.90 18.80 10.04
N SER A 578 -30.03 18.80 9.32
CA SER A 578 -31.32 18.73 10.01
C SER A 578 -31.61 17.32 10.54
N ILE A 579 -31.12 16.29 9.85
CA ILE A 579 -31.45 14.91 10.20
C ILE A 579 -30.64 14.44 11.41
N THR A 580 -29.31 14.57 11.36
CA THR A 580 -28.46 13.88 12.32
C THR A 580 -28.33 14.61 13.65
N SER A 581 -29.08 15.68 13.87
CA SER A 581 -29.07 16.38 15.14
C SER A 581 -30.41 16.27 15.86
N THR A 582 -31.51 16.54 15.17
CA THR A 582 -32.83 16.49 15.80
C THR A 582 -33.46 15.11 15.75
N THR A 583 -32.94 14.21 14.90
CA THR A 583 -33.46 12.86 14.66
C THR A 583 -34.94 12.90 14.26
N LEU A 584 -35.21 13.53 13.12
CA LEU A 584 -36.56 13.51 12.56
C LEU A 584 -36.94 12.13 12.07
N LEU A 585 -36.02 11.45 11.39
CA LEU A 585 -36.25 10.11 10.85
C LEU A 585 -35.25 9.18 11.53
N PRO A 586 -35.64 8.52 12.62
CA PRO A 586 -34.68 7.63 13.32
C PRO A 586 -34.32 6.39 12.55
N HIS A 587 -35.19 5.91 11.66
CA HIS A 587 -34.87 4.73 10.86
C HIS A 587 -33.86 5.06 9.77
N SER A 588 -33.84 6.31 9.31
CA SER A 588 -32.89 6.74 8.29
C SER A 588 -31.85 7.71 8.83
N GLY A 589 -31.76 7.87 10.15
CA GLY A 589 -30.82 8.81 10.73
C GLY A 589 -29.37 8.36 10.70
N ASP A 590 -29.11 7.10 10.37
CA ASP A 590 -27.75 6.58 10.26
C ASP A 590 -27.44 6.09 8.86
N ILE A 591 -28.31 6.37 7.89
CA ILE A 591 -28.06 6.06 6.49
C ILE A 591 -28.02 7.33 5.64
N ILE A 592 -28.99 8.21 5.83
CA ILE A 592 -29.00 9.50 5.15
C ILE A 592 -27.81 10.35 5.60
N ALA A 593 -27.53 10.38 6.91
CA ALA A 593 -26.39 11.12 7.42
C ALA A 593 -25.07 10.50 6.97
N THR A 594 -24.97 9.17 7.04
CA THR A 594 -23.75 8.46 6.67
C THR A 594 -23.48 8.54 5.17
N VAL A 595 -24.51 8.76 4.34
CA VAL A 595 -24.28 8.98 2.92
C VAL A 595 -23.93 10.43 2.65
N PHE A 596 -24.71 11.37 3.21
CA PHE A 596 -24.57 12.77 2.84
C PHE A 596 -23.40 13.48 3.49
N ALA A 597 -22.82 12.94 4.56
CA ALA A 597 -21.71 13.66 5.18
C ALA A 597 -20.39 13.52 4.41
N PRO A 598 -20.00 12.35 3.86
CA PRO A 598 -18.87 12.36 2.91
C PRO A 598 -19.17 13.09 1.61
N LEU A 599 -20.44 13.35 1.29
CA LEU A 599 -20.75 14.23 0.18
C LEU A 599 -20.64 15.70 0.56
N GLU A 600 -20.93 16.06 1.81
CA GLU A 600 -20.74 17.46 2.21
C GLU A 600 -19.27 17.78 2.40
N VAL A 601 -18.45 16.78 2.71
CA VAL A 601 -17.00 16.99 2.74
C VAL A 601 -16.48 17.22 1.32
N PHE A 602 -17.05 16.51 0.34
CA PHE A 602 -16.71 16.76 -1.06
C PHE A 602 -17.21 18.12 -1.53
N ARG A 603 -18.35 18.58 -1.00
CA ARG A 603 -18.81 19.93 -1.29
C ARG A 603 -17.82 20.97 -0.75
N ARG A 604 -17.32 20.75 0.45
CA ARG A 604 -16.30 21.64 1.01
C ARG A 604 -14.99 21.54 0.24
N PHE A 605 -14.69 20.37 -0.31
CA PHE A 605 -13.55 20.20 -1.21
C PHE A 605 -13.68 21.04 -2.47
N VAL A 606 -14.87 21.09 -3.06
CA VAL A 606 -15.13 21.98 -4.19
C VAL A 606 -15.04 23.44 -3.76
N TRP A 607 -15.48 23.72 -2.53
CA TRP A 607 -15.44 25.08 -1.99
C TRP A 607 -14.02 25.60 -1.87
N ASN A 608 -13.07 24.73 -1.51
CA ASN A 608 -11.69 25.17 -1.31
C ASN A 608 -11.05 25.65 -2.62
N PHE A 609 -11.25 24.90 -3.72
CA PHE A 609 -10.85 25.36 -5.04
C PHE A 609 -11.47 26.71 -5.38
N PHE A 610 -12.77 26.82 -5.25
CA PHE A 610 -13.43 27.98 -5.85
C PHE A 610 -13.54 29.15 -4.88
N ARG A 611 -13.00 29.02 -3.67
CA ARG A 611 -12.77 30.17 -2.81
C ARG A 611 -11.35 30.67 -2.94
N LEU A 612 -10.36 29.78 -3.01
CA LEU A 612 -9.00 30.28 -3.19
C LEU A 612 -8.65 30.58 -4.64
N GLU A 613 -9.56 30.35 -5.59
CA GLU A 613 -9.39 31.03 -6.87
C GLU A 613 -9.80 32.50 -6.77
N ASN A 614 -10.52 32.87 -5.71
CA ASN A 614 -11.02 34.23 -5.53
C ASN A 614 -10.17 35.04 -4.56
N GLU A 615 -9.70 34.42 -3.47
CA GLU A 615 -8.90 35.14 -2.48
C GLU A 615 -7.54 35.54 -3.03
N HIS A 616 -6.96 34.72 -3.90
CA HIS A 616 -5.75 35.14 -4.62
C HIS A 616 -6.05 36.29 -5.55
N LEU A 617 -7.21 36.26 -6.21
CA LEU A 617 -7.58 37.34 -7.13
C LEU A 617 -7.99 38.60 -6.40
N ASN A 618 -8.75 38.47 -5.31
CA ASN A 618 -9.19 39.63 -4.55
C ASN A 618 -8.41 39.76 -3.24
N PRO B 230 10.48 9.45 -11.68
CA PRO B 230 9.55 10.55 -11.44
C PRO B 230 8.68 10.32 -10.21
N ALA B 231 7.74 11.23 -9.96
CA ALA B 231 6.90 11.13 -8.77
C ALA B 231 5.84 10.03 -8.90
N TRP B 232 5.34 9.79 -10.11
CA TRP B 232 4.30 8.78 -10.28
C TRP B 232 4.86 7.38 -10.11
N THR B 233 6.09 7.15 -10.59
CA THR B 233 6.71 5.84 -10.43
C THR B 233 7.04 5.55 -8.96
N THR B 234 7.51 6.56 -8.23
CA THR B 234 7.76 6.39 -6.80
C THR B 234 6.46 6.19 -6.02
N PHE B 235 5.39 6.87 -6.45
CA PHE B 235 4.08 6.63 -5.85
C PHE B 235 3.61 5.21 -6.10
N ARG B 236 3.85 4.68 -7.31
CA ARG B 236 3.47 3.31 -7.60
C ARG B 236 4.35 2.31 -6.85
N VAL B 237 5.61 2.69 -6.58
CA VAL B 237 6.47 1.87 -5.73
C VAL B 237 5.87 1.75 -4.34
N GLY B 238 5.45 2.88 -3.78
CA GLY B 238 4.79 2.86 -2.48
C GLY B 238 3.47 2.11 -2.50
N LEU B 239 2.68 2.29 -3.56
CA LEU B 239 1.38 1.66 -3.65
C LEU B 239 1.51 0.14 -3.71
N PHE B 240 2.42 -0.35 -4.56
CA PHE B 240 2.60 -1.79 -4.68
C PHE B 240 3.28 -2.37 -3.43
N CYS B 241 4.18 -1.62 -2.79
CA CYS B 241 4.77 -2.11 -1.55
C CYS B 241 3.76 -2.16 -0.41
N GLY B 242 2.87 -1.16 -0.34
CA GLY B 242 1.85 -1.18 0.69
C GLY B 242 0.84 -2.29 0.53
N ILE B 243 0.36 -2.51 -0.71
CA ILE B 243 -0.55 -3.61 -0.98
C ILE B 243 0.14 -4.95 -0.74
N PHE B 244 1.44 -5.04 -1.06
CA PHE B 244 2.20 -6.25 -0.80
C PHE B 244 2.34 -6.52 0.69
N ILE B 245 2.57 -5.48 1.50
CA ILE B 245 2.73 -5.66 2.94
C ILE B 245 1.44 -6.14 3.58
N VAL B 246 0.31 -5.53 3.23
CA VAL B 246 -0.96 -5.92 3.84
C VAL B 246 -1.38 -7.31 3.37
N LEU B 247 -1.17 -7.63 2.10
CA LEU B 247 -1.52 -8.95 1.63
C LEU B 247 -0.57 -10.02 2.17
N ASN B 248 0.67 -9.64 2.51
CA ASN B 248 1.56 -10.57 3.21
C ASN B 248 1.08 -10.83 4.63
N ILE B 249 0.63 -9.78 5.33
CA ILE B 249 0.07 -9.95 6.67
C ILE B 249 -1.21 -10.77 6.61
N THR B 250 -2.04 -10.55 5.59
CA THR B 250 -3.24 -11.36 5.39
C THR B 250 -2.87 -12.81 5.07
N LEU B 251 -1.77 -13.02 4.35
CA LEU B 251 -1.30 -14.38 4.05
C LEU B 251 -0.87 -15.11 5.32
N VAL B 252 -0.11 -14.43 6.19
CA VAL B 252 0.31 -15.04 7.45
C VAL B 252 -0.89 -15.31 8.36
N LEU B 253 -1.81 -14.36 8.44
CA LEU B 253 -2.99 -14.52 9.28
C LEU B 253 -3.92 -15.62 8.77
N ALA B 254 -4.03 -15.78 7.44
CA ALA B 254 -4.82 -16.87 6.89
C ALA B 254 -4.13 -18.21 7.04
N ALA B 255 -2.80 -18.24 6.99
CA ALA B 255 -2.09 -19.49 7.19
C ALA B 255 -2.11 -19.93 8.65
N VAL B 256 -2.28 -19.00 9.59
CA VAL B 256 -2.32 -19.36 11.00
C VAL B 256 -3.75 -19.64 11.46
N PHE B 257 -4.67 -18.70 11.25
CA PHE B 257 -6.01 -18.81 11.81
C PHE B 257 -7.04 -19.41 10.84
N LYS B 258 -6.60 -19.81 9.64
CA LYS B 258 -7.42 -20.62 8.74
C LYS B 258 -6.57 -21.78 8.22
N LEU B 259 -5.88 -22.45 9.14
CA LEU B 259 -4.99 -23.54 8.79
C LEU B 259 -5.78 -24.75 8.31
N GLU B 260 -5.14 -25.53 7.44
CA GLU B 260 -5.77 -26.72 6.89
C GLU B 260 -5.85 -27.82 7.95
N THR B 261 -6.94 -28.58 7.92
CA THR B 261 -7.14 -29.63 8.92
C THR B 261 -6.19 -30.79 8.69
N ASP B 262 -6.28 -31.44 7.53
CA ASP B 262 -5.39 -32.54 7.21
C ASP B 262 -4.84 -32.46 5.78
N ARG B 263 -5.23 -31.46 5.00
CA ARG B 263 -4.74 -31.33 3.64
C ARG B 263 -3.29 -30.86 3.63
N SER B 264 -2.51 -31.36 2.68
CA SER B 264 -1.09 -31.05 2.60
C SER B 264 -0.90 -29.67 1.99
N ILE B 265 -0.18 -28.80 2.70
CA ILE B 265 0.14 -27.47 2.21
C ILE B 265 1.34 -27.46 1.28
N TRP B 266 2.10 -28.56 1.22
CA TRP B 266 3.36 -28.61 0.50
C TRP B 266 3.28 -28.50 -1.02
N PRO B 267 2.27 -29.05 -1.73
CA PRO B 267 2.13 -28.66 -3.15
C PRO B 267 1.88 -27.18 -3.37
N LEU B 268 1.12 -26.54 -2.48
CA LEU B 268 0.86 -25.10 -2.59
C LEU B 268 2.14 -24.30 -2.41
N ILE B 269 2.96 -24.68 -1.42
CA ILE B 269 4.24 -24.04 -1.20
C ILE B 269 5.17 -24.30 -2.39
N ARG B 270 5.19 -25.53 -2.89
CA ARG B 270 6.10 -25.88 -3.98
C ARG B 270 5.69 -25.27 -5.32
N ILE B 271 4.45 -24.81 -5.47
CA ILE B 271 4.11 -24.05 -6.67
C ILE B 271 4.35 -22.56 -6.47
N TYR B 272 3.97 -22.00 -5.32
CA TYR B 272 4.08 -20.55 -5.14
C TYR B 272 5.47 -20.08 -4.75
N ARG B 273 6.39 -21.01 -4.43
CA ARG B 273 7.78 -20.63 -4.20
C ARG B 273 8.44 -20.14 -5.48
N GLY B 274 8.05 -20.70 -6.63
CA GLY B 274 8.54 -20.29 -7.93
C GLY B 274 8.03 -18.94 -8.41
N GLY B 275 7.14 -18.31 -7.67
CA GLY B 275 6.78 -16.93 -7.93
C GLY B 275 7.41 -16.03 -6.89
N PHE B 276 7.45 -16.52 -5.64
CA PHE B 276 8.00 -15.71 -4.55
C PHE B 276 9.49 -15.45 -4.73
N LEU B 277 10.23 -16.42 -5.25
CA LEU B 277 11.66 -16.22 -5.47
C LEU B 277 11.93 -15.22 -6.58
N LEU B 278 11.12 -15.24 -7.64
CA LEU B 278 11.25 -14.28 -8.72
C LEU B 278 10.95 -12.86 -8.24
N ILE B 279 9.92 -12.71 -7.42
CA ILE B 279 9.54 -11.39 -6.92
C ILE B 279 10.57 -10.87 -5.93
N GLU B 280 11.08 -11.74 -5.05
CA GLU B 280 12.15 -11.35 -4.15
C GLU B 280 13.42 -11.02 -4.92
N PHE B 281 13.70 -11.73 -6.02
CA PHE B 281 14.85 -11.42 -6.85
C PHE B 281 14.72 -10.04 -7.49
N LEU B 282 13.53 -9.71 -7.98
CA LEU B 282 13.35 -8.41 -8.63
C LEU B 282 13.32 -7.26 -7.63
N PHE B 283 12.79 -7.48 -6.42
CA PHE B 283 12.85 -6.45 -5.39
C PHE B 283 14.28 -6.22 -4.93
N LEU B 284 15.05 -7.30 -4.75
CA LEU B 284 16.46 -7.14 -4.43
C LEU B 284 17.24 -6.58 -5.61
N LEU B 285 16.77 -6.82 -6.84
CA LEU B 285 17.39 -6.18 -8.00
C LEU B 285 17.09 -4.68 -8.05
N GLY B 286 15.94 -4.27 -7.52
CA GLY B 286 15.70 -2.85 -7.32
C GLY B 286 16.70 -2.24 -6.34
N ILE B 287 16.96 -2.95 -5.23
CA ILE B 287 18.01 -2.51 -4.32
C ILE B 287 19.38 -2.57 -5.00
N ASN B 288 19.56 -3.51 -5.93
CA ASN B 288 20.83 -3.63 -6.65
C ASN B 288 21.07 -2.43 -7.55
N THR B 289 20.05 -2.02 -8.31
CA THR B 289 20.21 -0.86 -9.17
C THR B 289 20.35 0.42 -8.37
N TYR B 290 19.71 0.48 -7.20
CA TYR B 290 19.92 1.60 -6.28
C TYR B 290 21.38 1.67 -5.82
N GLY B 291 21.94 0.51 -5.47
CA GLY B 291 23.33 0.46 -5.04
C GLY B 291 24.32 0.77 -6.13
N TRP B 292 24.04 0.35 -7.37
CA TRP B 292 24.92 0.71 -8.48
C TRP B 292 24.78 2.18 -8.86
N ARG B 293 23.59 2.75 -8.66
CA ARG B 293 23.37 4.14 -9.02
C ARG B 293 24.11 5.09 -8.08
N GLN B 294 24.04 4.83 -6.78
CA GLN B 294 24.69 5.71 -5.81
C GLN B 294 26.03 5.18 -5.33
N ALA B 295 26.85 4.61 -6.22
CA ALA B 295 28.21 4.26 -5.86
C ALA B 295 29.19 4.48 -7.01
N GLY B 296 28.78 5.14 -8.09
CA GLY B 296 29.68 5.34 -9.21
C GLY B 296 29.94 4.11 -10.05
N VAL B 297 29.05 3.12 -9.99
CA VAL B 297 29.23 1.90 -10.77
C VAL B 297 29.02 2.18 -12.26
N ASN B 298 27.98 2.96 -12.59
CA ASN B 298 27.59 3.29 -13.96
C ASN B 298 27.34 2.02 -14.79
N HIS B 299 26.32 1.27 -14.37
CA HIS B 299 26.00 -0.01 -14.98
C HIS B 299 25.48 0.12 -16.40
N VAL B 300 25.04 1.31 -16.81
CA VAL B 300 24.55 1.50 -18.17
C VAL B 300 25.67 1.45 -19.20
N LEU B 301 26.93 1.62 -18.78
CA LEU B 301 28.05 1.53 -19.70
C LEU B 301 28.32 0.10 -20.11
N ILE B 302 28.21 -0.84 -19.18
CA ILE B 302 28.64 -2.22 -19.41
C ILE B 302 27.49 -3.19 -19.66
N PHE B 303 26.25 -2.83 -19.32
CA PHE B 303 25.10 -3.62 -19.73
C PHE B 303 24.72 -3.38 -21.19
N GLU B 304 25.36 -2.42 -21.86
CA GLU B 304 25.06 -2.00 -23.23
C GLU B 304 23.59 -1.57 -23.35
N LEU B 305 23.26 -0.51 -22.61
CA LEU B 305 21.93 0.06 -22.59
C LEU B 305 21.96 1.48 -23.14
N ASN B 306 20.76 2.04 -23.33
CA ASN B 306 20.66 3.44 -23.71
C ASN B 306 20.83 4.29 -22.46
N PRO B 307 21.88 5.11 -22.36
CA PRO B 307 22.06 5.91 -21.14
C PRO B 307 21.07 7.04 -20.99
N ARG B 308 20.44 7.48 -22.07
CA ARG B 308 19.40 8.50 -21.97
C ARG B 308 18.09 7.91 -21.46
N SER B 309 17.79 6.66 -21.80
CA SER B 309 16.56 5.98 -21.38
C SER B 309 16.96 4.63 -20.80
N ASN B 310 17.29 4.62 -19.52
CA ASN B 310 17.60 3.39 -18.80
C ASN B 310 16.47 3.06 -17.84
N LEU B 311 16.67 2.03 -17.02
CA LEU B 311 15.70 1.61 -16.03
C LEU B 311 16.24 1.97 -14.65
N SER B 312 15.57 2.91 -13.99
CA SER B 312 15.96 3.30 -12.64
C SER B 312 15.51 2.23 -11.65
N HIS B 313 15.89 2.41 -10.38
CA HIS B 313 15.62 1.37 -9.39
C HIS B 313 14.15 1.36 -8.97
N GLN B 314 13.45 2.48 -9.10
CA GLN B 314 12.02 2.49 -8.80
C GLN B 314 11.23 1.63 -9.78
N HIS B 315 11.64 1.58 -11.06
CA HIS B 315 10.91 0.79 -12.03
C HIS B 315 11.01 -0.70 -11.72
N LEU B 316 12.20 -1.16 -11.31
CA LEU B 316 12.34 -2.55 -10.84
C LEU B 316 11.57 -2.78 -9.56
N PHE B 317 11.54 -1.79 -8.66
CA PHE B 317 10.79 -1.91 -7.41
C PHE B 317 9.30 -2.07 -7.67
N GLU B 318 8.75 -1.30 -8.60
CA GLU B 318 7.31 -1.36 -8.82
C GLU B 318 6.89 -2.53 -9.70
N ILE B 319 7.76 -2.99 -10.60
CA ILE B 319 7.49 -4.25 -11.30
C ILE B 319 7.49 -5.42 -10.32
N ALA B 320 8.47 -5.44 -9.41
CA ALA B 320 8.51 -6.48 -8.37
C ALA B 320 7.31 -6.40 -7.45
N GLY B 321 6.90 -5.18 -7.08
CA GLY B 321 5.73 -5.01 -6.25
C GLY B 321 4.46 -5.50 -6.92
N PHE B 322 4.26 -5.13 -8.19
CA PHE B 322 3.05 -5.50 -8.92
C PHE B 322 2.94 -7.00 -9.12
N LEU B 323 4.04 -7.67 -9.47
CA LEU B 323 4.02 -9.14 -9.54
C LEU B 323 3.81 -9.75 -8.17
N GLY B 324 4.28 -9.09 -7.11
CA GLY B 324 3.92 -9.51 -5.77
C GLY B 324 2.44 -9.37 -5.47
N ILE B 325 1.78 -8.39 -6.08
CA ILE B 325 0.34 -8.23 -5.86
C ILE B 325 -0.41 -9.38 -6.50
N LEU B 326 -0.02 -9.77 -7.72
CA LEU B 326 -0.59 -10.97 -8.33
C LEU B 326 -0.32 -12.22 -7.52
N TRP B 327 0.90 -12.36 -6.99
CA TRP B 327 1.26 -13.57 -6.23
C TRP B 327 0.44 -13.67 -4.94
N CYS B 328 0.32 -12.56 -4.23
CA CYS B 328 -0.43 -12.58 -2.97
C CYS B 328 -1.92 -12.74 -3.22
N LEU B 329 -2.46 -12.15 -4.28
CA LEU B 329 -3.87 -12.32 -4.60
C LEU B 329 -4.19 -13.75 -5.03
N SER B 330 -3.29 -14.37 -5.80
CA SER B 330 -3.52 -15.75 -6.21
C SER B 330 -3.40 -16.71 -5.03
N LEU B 331 -2.47 -16.44 -4.12
CA LEU B 331 -2.33 -17.34 -2.97
C LEU B 331 -3.47 -17.13 -1.97
N LEU B 332 -4.01 -15.91 -1.86
CA LEU B 332 -5.21 -15.69 -1.08
C LEU B 332 -6.42 -16.32 -1.73
N ALA B 333 -6.44 -16.39 -3.07
CA ALA B 333 -7.51 -17.12 -3.74
C ALA B 333 -7.40 -18.62 -3.50
N CYS B 334 -6.17 -19.13 -3.35
CA CYS B 334 -6.00 -20.51 -2.94
C CYS B 334 -6.45 -20.74 -1.50
N PHE B 335 -6.23 -19.78 -0.62
CA PHE B 335 -6.76 -19.90 0.75
C PHE B 335 -8.27 -19.66 0.79
N PHE B 336 -8.69 -18.44 0.47
CA PHE B 336 -10.11 -18.09 0.43
C PHE B 336 -10.62 -18.42 -0.97
N ALA B 337 -11.22 -19.59 -1.11
CA ALA B 337 -11.70 -20.03 -2.42
C ALA B 337 -13.00 -19.31 -2.77
N PRO B 338 -13.11 -18.71 -3.96
CA PRO B 338 -14.41 -18.20 -4.42
C PRO B 338 -15.36 -19.30 -4.85
N ILE B 339 -16.48 -18.90 -5.48
CA ILE B 339 -17.60 -19.78 -5.80
C ILE B 339 -17.20 -20.93 -6.72
N SER B 340 -18.05 -21.96 -6.79
CA SER B 340 -17.68 -23.27 -7.33
C SER B 340 -17.51 -23.28 -8.84
N VAL B 341 -17.81 -22.19 -9.54
CA VAL B 341 -17.61 -22.16 -11.00
C VAL B 341 -16.12 -22.19 -11.33
N ILE B 342 -15.28 -21.53 -10.54
CA ILE B 342 -13.84 -21.51 -10.73
C ILE B 342 -13.20 -22.28 -9.58
N PRO B 343 -12.59 -23.44 -9.82
CA PRO B 343 -11.94 -24.19 -8.74
C PRO B 343 -10.62 -23.54 -8.34
N THR B 344 -10.01 -24.11 -7.31
CA THR B 344 -8.82 -23.52 -6.72
C THR B 344 -7.54 -23.81 -7.51
N TYR B 345 -7.61 -24.65 -8.50
CA TYR B 345 -6.39 -24.98 -9.19
C TYR B 345 -6.03 -23.96 -10.25
N VAL B 346 -7.00 -23.30 -10.84
CA VAL B 346 -6.69 -22.39 -11.91
C VAL B 346 -5.86 -21.21 -11.44
N TYR B 347 -6.12 -20.67 -10.26
CA TYR B 347 -5.41 -19.48 -9.80
C TYR B 347 -3.88 -19.52 -9.93
N PRO B 348 -3.17 -20.64 -9.65
CA PRO B 348 -1.75 -20.66 -10.04
C PRO B 348 -1.50 -20.52 -11.54
N LEU B 349 -2.35 -21.10 -12.39
CA LEU B 349 -2.21 -20.85 -13.82
C LEU B 349 -2.58 -19.43 -14.19
N ALA B 350 -3.52 -18.81 -13.48
CA ALA B 350 -3.80 -17.39 -13.68
C ALA B 350 -2.58 -16.54 -13.31
N LEU B 351 -1.91 -16.91 -12.22
CA LEU B 351 -0.68 -16.24 -11.80
C LEU B 351 0.41 -16.35 -12.85
N TYR B 352 0.81 -17.58 -13.20
CA TYR B 352 1.95 -17.74 -14.08
C TYR B 352 1.60 -17.35 -15.51
N GLY B 353 0.36 -17.56 -15.93
CA GLY B 353 -0.06 -17.13 -17.25
C GLY B 353 -0.10 -15.62 -17.39
N PHE B 354 -0.52 -14.90 -16.34
CA PHE B 354 -0.51 -13.45 -16.46
C PHE B 354 0.89 -12.89 -16.33
N MET B 355 1.78 -13.58 -15.60
CA MET B 355 3.19 -13.18 -15.60
C MET B 355 3.81 -13.35 -16.98
N VAL B 356 3.53 -14.47 -17.65
CA VAL B 356 4.00 -14.66 -19.02
C VAL B 356 3.38 -13.65 -19.96
N PHE B 357 2.07 -13.40 -19.84
CA PHE B 357 1.39 -12.44 -20.71
C PHE B 357 1.88 -11.02 -20.47
N PHE B 358 2.27 -10.70 -19.24
CA PHE B 358 2.98 -9.46 -18.98
C PHE B 358 4.33 -9.45 -19.68
N LEU B 359 5.02 -10.60 -19.71
CA LEU B 359 6.36 -10.67 -20.28
C LEU B 359 6.36 -10.54 -21.79
N ILE B 360 5.37 -11.14 -22.47
CA ILE B 360 5.39 -11.17 -23.93
C ILE B 360 4.27 -10.31 -24.50
N ASN B 361 3.94 -9.23 -23.80
CA ASN B 361 2.98 -8.24 -24.29
C ASN B 361 3.50 -7.61 -25.57
N PRO B 362 2.78 -7.74 -26.70
CA PRO B 362 3.36 -7.40 -28.01
C PRO B 362 3.63 -5.92 -28.26
N THR B 363 2.66 -5.05 -28.02
CA THR B 363 2.82 -3.65 -28.42
C THR B 363 2.32 -2.66 -27.40
N LYS B 364 1.91 -3.10 -26.21
CA LYS B 364 1.36 -2.18 -25.22
C LYS B 364 2.46 -1.35 -24.58
N THR B 365 2.05 -0.39 -23.76
CA THR B 365 2.96 0.53 -23.11
C THR B 365 3.57 -0.04 -21.83
N PHE B 366 3.20 -1.26 -21.44
CA PHE B 366 3.69 -1.88 -20.21
C PHE B 366 5.13 -2.34 -20.44
N TYR B 367 6.05 -1.38 -20.38
CA TYR B 367 7.49 -1.56 -20.57
C TYR B 367 7.81 -2.18 -21.93
N TYR B 368 7.52 -1.39 -22.98
CA TYR B 368 7.81 -1.86 -24.33
C TYR B 368 9.32 -1.90 -24.58
N LYS B 369 10.04 -0.87 -24.14
CA LYS B 369 11.44 -0.72 -24.50
C LYS B 369 12.35 -1.68 -23.75
N SER B 370 12.13 -1.85 -22.46
CA SER B 370 13.04 -2.62 -21.62
C SER B 370 12.75 -4.12 -21.66
N ARG B 371 11.47 -4.49 -21.67
CA ARG B 371 11.12 -5.90 -21.56
C ARG B 371 11.34 -6.65 -22.88
N PHE B 372 11.27 -5.95 -24.02
CA PHE B 372 11.67 -6.62 -25.26
C PHE B 372 13.17 -6.78 -25.35
N TRP B 373 13.94 -5.88 -24.72
CA TRP B 373 15.36 -6.14 -24.54
C TRP B 373 15.58 -7.38 -23.67
N LEU B 374 14.74 -7.55 -22.65
CA LEU B 374 14.78 -8.75 -21.83
C LEU B 374 14.43 -10.00 -22.64
N LEU B 375 13.44 -9.90 -23.54
CA LEU B 375 13.06 -11.04 -24.37
C LEU B 375 14.15 -11.41 -25.37
N LYS B 376 14.78 -10.42 -26.00
CA LYS B 376 15.90 -10.72 -26.89
C LYS B 376 17.10 -11.26 -26.11
N LEU B 377 17.29 -10.79 -24.88
CA LEU B 377 18.32 -11.34 -24.01
C LEU B 377 18.04 -12.79 -23.67
N LEU B 378 16.77 -13.11 -23.36
CA LEU B 378 16.40 -14.49 -23.04
C LEU B 378 16.51 -15.39 -24.26
N PHE B 379 16.20 -14.88 -25.45
CA PHE B 379 16.37 -15.66 -26.67
C PHE B 379 17.84 -15.93 -26.95
N ARG B 380 18.71 -14.95 -26.70
CA ARG B 380 20.14 -15.17 -26.89
C ARG B 380 20.75 -16.02 -25.79
N VAL B 381 20.15 -16.04 -24.59
CA VAL B 381 20.70 -16.83 -23.50
C VAL B 381 20.27 -18.29 -23.63
N PHE B 382 18.98 -18.54 -23.88
CA PHE B 382 18.48 -19.90 -24.00
C PHE B 382 18.96 -20.59 -25.27
N THR B 383 19.49 -19.86 -26.25
CA THR B 383 20.21 -20.42 -27.38
C THR B 383 21.66 -19.94 -27.26
N ALA B 384 22.45 -20.68 -26.48
CA ALA B 384 23.84 -20.35 -26.19
C ALA B 384 24.78 -20.40 -27.41
N PRO B 385 24.72 -21.39 -28.32
CA PRO B 385 25.55 -21.30 -29.53
C PRO B 385 25.09 -20.20 -30.47
N PHE B 386 26.02 -19.79 -31.34
CA PHE B 386 25.86 -18.88 -32.48
C PHE B 386 25.70 -17.42 -32.05
N HIS B 387 25.56 -17.18 -30.75
CA HIS B 387 25.38 -15.84 -30.20
C HIS B 387 26.60 -15.47 -29.37
N LYS B 388 27.26 -14.39 -29.75
CA LYS B 388 28.38 -13.89 -28.96
C LYS B 388 27.87 -13.28 -27.66
N VAL B 389 28.45 -13.70 -26.55
CA VAL B 389 28.02 -13.22 -25.24
C VAL B 389 28.61 -11.84 -24.98
N GLY B 390 27.75 -10.93 -24.54
CA GLY B 390 28.16 -9.64 -24.05
C GLY B 390 28.41 -9.68 -22.56
N PHE B 391 27.86 -8.71 -21.84
CA PHE B 391 27.84 -8.81 -20.39
C PHE B 391 26.46 -9.15 -19.84
N ALA B 392 25.41 -8.55 -20.42
CA ALA B 392 24.06 -8.78 -19.92
C ALA B 392 23.62 -10.22 -20.16
N ASP B 393 24.10 -10.83 -21.25
CA ASP B 393 23.88 -12.25 -21.49
C ASP B 393 24.49 -13.09 -20.37
N PHE B 394 25.76 -12.81 -20.04
CA PHE B 394 26.43 -13.52 -18.95
C PHE B 394 25.78 -13.20 -17.61
N TRP B 395 25.38 -11.95 -17.41
CA TRP B 395 24.81 -11.53 -16.14
C TRP B 395 23.50 -12.25 -15.84
N LEU B 396 22.60 -12.31 -16.82
CA LEU B 396 21.35 -13.01 -16.56
C LEU B 396 21.50 -14.53 -16.65
N ALA B 397 22.49 -15.03 -17.39
CA ALA B 397 22.78 -16.46 -17.31
C ALA B 397 23.34 -16.86 -15.96
N ASP B 398 23.97 -15.93 -15.26
CA ASP B 398 24.31 -16.14 -13.86
C ASP B 398 23.13 -15.84 -12.93
N GLN B 399 22.11 -15.12 -13.41
CA GLN B 399 20.90 -14.96 -12.63
C GLN B 399 20.03 -16.20 -12.65
N LEU B 400 20.10 -17.01 -13.71
CA LEU B 400 19.42 -18.30 -13.69
C LEU B 400 20.12 -19.30 -12.79
N ASN B 401 21.39 -19.06 -12.44
CA ASN B 401 22.09 -19.92 -11.51
C ASN B 401 21.52 -19.85 -10.10
N SER B 402 20.87 -18.76 -9.74
CA SER B 402 20.22 -18.63 -8.45
C SER B 402 18.69 -18.68 -8.55
N LEU B 403 18.16 -18.77 -9.76
CA LEU B 403 16.72 -18.92 -9.98
C LEU B 403 16.41 -20.23 -10.68
N SER B 404 17.17 -21.28 -10.37
CA SER B 404 16.87 -22.60 -10.90
C SER B 404 15.60 -23.19 -10.30
N VAL B 405 15.19 -22.70 -9.13
CA VAL B 405 14.02 -23.24 -8.45
C VAL B 405 12.75 -22.81 -9.17
N ILE B 406 12.79 -21.71 -9.92
CA ILE B 406 11.66 -21.31 -10.76
C ILE B 406 11.39 -22.36 -11.83
N LEU B 407 12.45 -22.86 -12.48
CA LEU B 407 12.31 -23.93 -13.44
C LEU B 407 11.90 -25.23 -12.77
N MET B 408 12.42 -25.50 -11.56
CA MET B 408 12.00 -26.68 -10.81
C MET B 408 10.53 -26.64 -10.46
N ASP B 409 10.05 -25.49 -10.02
CA ASP B 409 8.65 -25.37 -9.61
C ASP B 409 7.71 -25.34 -10.80
N LEU B 410 8.17 -24.85 -11.96
CA LEU B 410 7.36 -25.01 -13.18
C LEU B 410 7.29 -26.47 -13.59
N GLU B 411 8.40 -27.21 -13.49
CA GLU B 411 8.38 -28.64 -13.79
C GLU B 411 7.54 -29.41 -12.79
N TYR B 412 7.59 -29.02 -11.51
CA TYR B 412 6.74 -29.64 -10.52
C TYR B 412 5.27 -29.29 -10.74
N MET B 413 5.00 -28.10 -11.28
CA MET B 413 3.63 -27.73 -11.61
C MET B 413 3.10 -28.59 -12.75
N ILE B 414 3.95 -28.88 -13.74
CA ILE B 414 3.57 -29.81 -14.81
C ILE B 414 3.35 -31.22 -14.24
N CYS B 415 4.23 -31.66 -13.34
CA CYS B 415 4.09 -32.99 -12.72
C CYS B 415 2.83 -33.07 -11.86
N PHE B 416 2.55 -32.02 -11.10
CA PHE B 416 1.38 -32.01 -10.22
C PHE B 416 0.09 -31.88 -11.00
N TYR B 417 0.10 -31.17 -12.12
CA TYR B 417 -1.12 -31.08 -12.91
C TYR B 417 -1.28 -32.25 -13.86
N SER B 418 -0.25 -33.07 -14.05
CA SER B 418 -0.46 -34.39 -14.63
C SER B 418 -0.95 -35.37 -13.57
N LEU B 419 -0.60 -35.13 -12.31
CA LEU B 419 -1.06 -35.96 -11.20
C LEU B 419 -2.53 -35.70 -10.87
N GLU B 420 -2.95 -34.44 -10.89
CA GLU B 420 -4.26 -34.03 -10.40
C GLU B 420 -4.98 -33.16 -11.43
N LEU B 421 -5.00 -33.62 -12.69
CA LEU B 421 -5.84 -32.96 -13.67
C LEU B 421 -7.32 -33.30 -13.48
N LYS B 422 -7.60 -34.43 -12.83
CA LYS B 422 -8.97 -34.77 -12.44
C LYS B 422 -9.43 -33.78 -11.37
N TRP B 423 -10.42 -32.95 -11.72
CA TRP B 423 -10.67 -31.74 -10.94
C TRP B 423 -11.41 -32.01 -9.63
N ASP B 424 -12.50 -32.80 -9.69
CA ASP B 424 -13.47 -33.05 -8.63
C ASP B 424 -14.21 -31.81 -8.13
N GLU B 425 -13.93 -30.64 -8.74
CA GLU B 425 -14.53 -29.33 -8.45
C GLU B 425 -14.40 -28.90 -6.99
N SER B 426 -13.52 -29.51 -6.21
CA SER B 426 -13.34 -29.13 -4.81
C SER B 426 -11.94 -28.62 -4.52
N LYS B 427 -10.90 -29.43 -4.78
CA LYS B 427 -9.53 -29.08 -4.39
C LYS B 427 -8.57 -29.64 -5.45
N GLY B 428 -8.20 -28.79 -6.41
CA GLY B 428 -7.09 -29.09 -7.29
C GLY B 428 -5.79 -29.00 -6.51
N LEU B 429 -5.51 -27.79 -6.02
CA LEU B 429 -4.46 -27.62 -5.02
C LEU B 429 -4.92 -28.16 -3.67
N LEU B 430 -3.94 -28.34 -2.77
CA LEU B 430 -4.11 -28.85 -1.41
C LEU B 430 -4.85 -30.18 -1.38
N PRO B 431 -4.23 -31.28 -1.80
CA PRO B 431 -4.91 -32.58 -1.79
C PRO B 431 -4.91 -33.16 -0.37
N ASN B 432 -5.43 -34.38 -0.26
CA ASN B 432 -5.59 -35.04 1.02
C ASN B 432 -4.22 -35.52 1.51
N ASN B 433 -4.17 -36.09 2.71
CA ASN B 433 -2.91 -36.57 3.31
C ASN B 433 -2.28 -37.71 2.52
N SER B 434 -3.05 -38.43 1.72
CA SER B 434 -2.47 -39.33 0.73
C SER B 434 -1.86 -38.50 -0.38
N GLU B 435 -0.53 -38.59 -0.54
CA GLU B 435 0.19 -37.75 -1.48
C GLU B 435 0.00 -38.16 -2.93
N GLU B 436 -0.58 -39.34 -3.18
CA GLU B 436 -0.86 -39.86 -4.53
C GLU B 436 0.41 -39.98 -5.37
N SER B 437 1.51 -40.35 -4.70
CA SER B 437 2.82 -40.61 -5.32
C SER B 437 3.35 -39.37 -6.06
N GLY B 438 3.58 -38.30 -5.30
CA GLY B 438 4.16 -37.10 -5.86
C GLY B 438 5.64 -37.18 -6.15
N ILE B 439 6.32 -38.21 -5.62
CA ILE B 439 7.73 -38.44 -5.92
C ILE B 439 7.93 -39.40 -7.09
N CYS B 440 6.86 -40.05 -7.56
CA CYS B 440 6.94 -41.02 -8.64
C CYS B 440 6.48 -40.39 -9.95
N HIS B 441 7.28 -40.56 -11.00
CA HIS B 441 6.98 -40.00 -12.31
C HIS B 441 7.74 -40.82 -13.35
N LYS B 442 7.58 -40.45 -14.62
CA LYS B 442 8.39 -41.06 -15.67
C LYS B 442 9.81 -40.54 -15.58
N TYR B 443 10.79 -41.46 -15.64
CA TYR B 443 12.22 -41.18 -15.46
C TYR B 443 12.48 -40.51 -14.12
N THR B 444 12.27 -41.31 -13.05
CA THR B 444 12.51 -40.85 -11.69
C THR B 444 13.95 -40.41 -11.50
N TYR B 445 14.11 -39.17 -10.99
CA TYR B 445 15.40 -38.48 -10.87
C TYR B 445 16.12 -38.42 -12.22
N GLY B 446 15.34 -38.23 -13.28
CA GLY B 446 15.84 -38.21 -14.63
C GLY B 446 15.81 -36.83 -15.24
N VAL B 447 14.73 -36.53 -15.98
CA VAL B 447 14.53 -35.22 -16.59
C VAL B 447 14.35 -34.13 -15.55
N ARG B 448 14.02 -34.49 -14.30
CA ARG B 448 14.00 -33.52 -13.21
C ARG B 448 15.39 -32.93 -12.98
N ALA B 449 16.43 -33.77 -13.04
CA ALA B 449 17.80 -33.27 -12.96
C ALA B 449 18.17 -32.45 -14.19
N ILE B 450 17.56 -32.74 -15.34
CA ILE B 450 17.83 -31.94 -16.54
C ILE B 450 17.26 -30.55 -16.39
N VAL B 451 16.02 -30.45 -15.89
CA VAL B 451 15.40 -29.15 -15.64
C VAL B 451 16.12 -28.43 -14.51
N GLN B 452 16.66 -29.18 -13.55
CA GLN B 452 17.58 -28.63 -12.56
C GLN B 452 18.81 -28.00 -13.22
N CYS B 453 19.50 -28.73 -14.07
CA CYS B 453 20.82 -28.33 -14.52
C CYS B 453 20.82 -27.50 -15.78
N ILE B 454 19.65 -27.22 -16.35
CA ILE B 454 19.60 -26.43 -17.58
C ILE B 454 20.08 -24.97 -17.40
N PRO B 455 19.99 -24.29 -16.23
CA PRO B 455 20.73 -23.02 -16.12
C PRO B 455 22.22 -23.20 -16.06
N ALA B 456 22.71 -24.18 -15.30
CA ALA B 456 24.13 -24.46 -15.23
C ALA B 456 24.67 -24.91 -16.58
N TRP B 457 23.86 -25.69 -17.31
CA TRP B 457 24.29 -26.14 -18.64
C TRP B 457 24.38 -24.97 -19.61
N LEU B 458 23.39 -24.07 -19.61
CA LEU B 458 23.43 -22.95 -20.55
C LEU B 458 24.56 -21.99 -20.22
N ARG B 459 24.84 -21.79 -18.93
CA ARG B 459 25.97 -20.95 -18.55
C ARG B 459 27.31 -21.63 -18.89
N PHE B 460 27.38 -22.96 -18.79
CA PHE B 460 28.58 -23.68 -19.19
C PHE B 460 28.84 -23.54 -20.69
N ILE B 461 27.82 -23.74 -21.52
CA ILE B 461 27.99 -23.59 -22.97
C ILE B 461 28.24 -22.14 -23.34
N GLN B 462 27.64 -21.20 -22.60
CA GLN B 462 27.90 -19.78 -22.83
C GLN B 462 29.35 -19.42 -22.55
N CYS B 463 29.92 -19.95 -21.47
CA CYS B 463 31.33 -19.72 -21.18
C CYS B 463 32.22 -20.44 -22.18
N LEU B 464 31.78 -21.59 -22.71
CA LEU B 464 32.54 -22.26 -23.76
C LEU B 464 32.52 -21.48 -25.06
N ARG B 465 31.39 -20.82 -25.38
CA ARG B 465 31.35 -19.95 -26.56
C ARG B 465 32.23 -18.73 -26.36
N ARG B 466 32.30 -18.22 -25.13
CA ARG B 466 33.25 -17.14 -24.85
C ARG B 466 34.70 -17.63 -24.95
N TYR B 467 34.95 -18.91 -24.66
CA TYR B 467 36.27 -19.48 -24.92
C TYR B 467 36.54 -19.60 -26.42
N ARG B 468 35.52 -19.90 -27.21
CA ARG B 468 35.72 -19.98 -28.65
C ARG B 468 35.97 -18.60 -29.25
N ASP B 469 35.38 -17.56 -28.66
CA ASP B 469 35.62 -16.20 -29.15
C ASP B 469 36.95 -15.64 -28.64
N THR B 470 37.10 -15.51 -27.32
CA THR B 470 38.22 -14.80 -26.73
C THR B 470 39.51 -15.62 -26.79
N LYS B 471 39.41 -16.93 -26.53
CA LYS B 471 40.54 -17.86 -26.43
C LYS B 471 41.56 -17.41 -25.37
N ARG B 472 41.05 -17.07 -24.19
CA ARG B 472 41.88 -16.75 -23.04
C ARG B 472 41.53 -17.73 -21.93
N ALA B 473 42.55 -18.35 -21.33
CA ALA B 473 42.34 -19.55 -20.53
C ALA B 473 41.82 -19.24 -19.12
N PHE B 474 42.56 -18.40 -18.37
CA PHE B 474 42.30 -18.25 -16.94
C PHE B 474 40.92 -17.68 -16.56
N PRO B 475 40.36 -16.65 -17.21
CA PRO B 475 38.98 -16.27 -16.83
C PRO B 475 37.90 -17.18 -17.38
N HIS B 476 38.24 -18.23 -18.12
CA HIS B 476 37.22 -18.99 -18.84
C HIS B 476 37.11 -20.43 -18.37
N LEU B 477 38.20 -21.20 -18.42
CA LEU B 477 38.13 -22.61 -18.03
C LEU B 477 37.94 -22.76 -16.52
N VAL B 478 38.50 -21.85 -15.73
CA VAL B 478 38.19 -21.81 -14.30
C VAL B 478 36.73 -21.41 -14.09
N ASN B 479 36.21 -20.51 -14.94
CA ASN B 479 34.80 -20.16 -14.88
C ASN B 479 33.92 -21.29 -15.40
N ALA B 480 34.40 -22.08 -16.35
CA ALA B 480 33.62 -23.22 -16.82
C ALA B 480 33.61 -24.34 -15.79
N GLY B 481 34.66 -24.43 -14.98
CA GLY B 481 34.73 -25.48 -13.98
C GLY B 481 33.69 -25.35 -12.89
N LYS B 482 33.34 -24.12 -12.52
CA LYS B 482 32.43 -23.91 -11.40
C LYS B 482 30.98 -24.24 -11.74
N TYR B 483 30.65 -24.44 -13.01
CA TYR B 483 29.36 -24.98 -13.39
C TYR B 483 29.43 -26.42 -13.86
N SER B 484 30.59 -26.88 -14.35
CA SER B 484 30.78 -28.30 -14.58
C SER B 484 30.77 -29.08 -13.27
N THR B 485 31.21 -28.45 -12.17
CA THR B 485 31.13 -29.09 -10.86
C THR B 485 29.67 -29.30 -10.43
N THR B 486 28.81 -28.31 -10.66
CA THR B 486 27.39 -28.46 -10.37
C THR B 486 26.76 -29.54 -11.25
N PHE B 487 27.16 -29.56 -12.53
CA PHE B 487 26.67 -30.56 -13.48
C PHE B 487 27.05 -31.97 -13.07
N PHE B 488 28.25 -32.15 -12.52
CA PHE B 488 28.63 -33.46 -12.00
C PHE B 488 27.96 -33.76 -10.67
N MET B 489 27.86 -32.76 -9.77
CA MET B 489 27.46 -33.01 -8.40
C MET B 489 26.00 -33.40 -8.29
N VAL B 490 25.12 -32.72 -9.03
CA VAL B 490 23.70 -33.06 -8.96
C VAL B 490 23.45 -34.42 -9.60
N THR B 491 24.17 -34.74 -10.68
CA THR B 491 24.03 -36.04 -11.33
C THR B 491 24.48 -37.18 -10.41
N PHE B 492 25.61 -37.00 -9.73
CA PHE B 492 26.07 -38.04 -8.81
C PHE B 492 25.18 -38.15 -7.58
N ALA B 493 24.64 -37.03 -7.10
CA ALA B 493 23.68 -37.10 -6.00
C ALA B 493 22.35 -37.72 -6.43
N ALA B 494 21.96 -37.54 -7.70
CA ALA B 494 20.74 -38.15 -8.19
C ALA B 494 20.90 -39.66 -8.33
N LEU B 495 22.07 -40.12 -8.81
CA LEU B 495 22.34 -41.55 -8.81
C LEU B 495 22.46 -42.12 -7.40
N TYR B 496 22.96 -41.32 -6.44
CA TYR B 496 22.89 -41.72 -5.04
C TYR B 496 21.45 -41.88 -4.57
N SER B 497 20.58 -40.94 -4.95
CA SER B 497 19.20 -40.96 -4.48
C SER B 497 18.42 -42.13 -5.08
N THR B 498 18.66 -42.44 -6.34
CA THR B 498 17.97 -43.57 -6.95
C THR B 498 18.66 -44.91 -6.68
N HIS B 499 19.88 -44.90 -6.11
CA HIS B 499 20.50 -46.13 -5.65
C HIS B 499 20.52 -46.23 -4.13
N LYS B 500 19.73 -45.41 -3.45
CA LYS B 500 19.50 -45.57 -2.02
C LYS B 500 18.15 -46.23 -1.75
N GLU B 501 17.07 -45.65 -2.28
CA GLU B 501 15.74 -46.22 -2.12
C GLU B 501 15.53 -47.41 -3.05
N ARG B 502 16.04 -47.33 -4.27
CA ARG B 502 15.83 -48.36 -5.29
C ARG B 502 17.13 -49.11 -5.53
N GLY B 503 17.04 -50.43 -5.62
CA GLY B 503 18.21 -51.25 -5.85
C GLY B 503 18.96 -51.54 -4.56
N HIS B 504 20.25 -51.86 -4.72
CA HIS B 504 21.08 -52.22 -3.59
C HIS B 504 21.42 -50.99 -2.76
N SER B 505 21.04 -51.00 -1.49
CA SER B 505 21.31 -49.89 -0.57
C SER B 505 22.58 -50.14 0.23
N ASP B 506 23.68 -50.32 -0.49
CA ASP B 506 24.99 -50.48 0.11
C ASP B 506 25.82 -49.20 0.06
N THR B 507 25.22 -48.09 -0.35
CA THR B 507 25.95 -46.84 -0.55
C THR B 507 26.04 -46.07 0.77
N MET B 508 26.80 -46.63 1.71
CA MET B 508 27.12 -45.93 2.95
C MET B 508 28.53 -45.34 2.93
N VAL B 509 29.42 -45.89 2.09
CA VAL B 509 30.78 -45.37 1.94
C VAL B 509 31.05 -45.28 0.44
N PHE B 510 30.11 -45.82 -0.35
CA PHE B 510 30.28 -45.86 -1.81
C PHE B 510 30.24 -44.46 -2.41
N PHE B 511 29.33 -43.61 -1.93
CA PHE B 511 29.26 -42.22 -2.35
C PHE B 511 29.63 -41.26 -1.23
N TYR B 512 30.40 -41.74 -0.24
CA TYR B 512 30.94 -40.85 0.78
C TYR B 512 32.04 -39.97 0.21
N LEU B 513 32.73 -40.44 -0.84
CA LEU B 513 33.68 -39.62 -1.57
C LEU B 513 33.00 -38.48 -2.32
N TRP B 514 31.73 -38.63 -2.66
CA TRP B 514 30.96 -37.59 -3.35
C TRP B 514 30.28 -36.62 -2.40
N ILE B 515 30.67 -36.61 -1.13
CA ILE B 515 30.42 -35.45 -0.28
C ILE B 515 31.70 -34.65 -0.03
N VAL B 516 32.87 -35.30 -0.09
CA VAL B 516 34.13 -34.56 -0.09
C VAL B 516 34.35 -33.89 -1.44
N PHE B 517 34.02 -34.60 -2.53
CA PHE B 517 34.01 -33.99 -3.85
C PHE B 517 33.00 -32.85 -3.92
N TYR B 518 31.87 -33.02 -3.22
CA TYR B 518 30.87 -31.95 -3.13
C TYR B 518 31.42 -30.75 -2.37
N ILE B 519 32.17 -30.99 -1.29
CA ILE B 519 32.78 -29.92 -0.52
C ILE B 519 33.80 -29.17 -1.36
N ILE B 520 34.61 -29.90 -2.13
CA ILE B 520 35.56 -29.28 -3.04
C ILE B 520 34.83 -28.51 -4.14
N SER B 521 33.72 -29.06 -4.64
CA SER B 521 32.94 -28.40 -5.69
C SER B 521 32.19 -27.19 -5.20
N SER B 522 31.95 -27.06 -3.89
CA SER B 522 31.37 -25.84 -3.35
C SER B 522 32.43 -24.81 -2.99
N CYS B 523 33.56 -25.26 -2.46
CA CYS B 523 34.66 -24.35 -2.16
C CYS B 523 35.30 -23.80 -3.43
N TYR B 524 35.24 -24.56 -4.54
CA TYR B 524 35.72 -24.07 -5.82
C TYR B 524 34.90 -22.88 -6.30
N THR B 525 33.57 -23.00 -6.24
CA THR B 525 32.70 -21.89 -6.59
C THR B 525 32.83 -20.75 -5.60
N LEU B 526 33.10 -21.06 -4.32
CA LEU B 526 33.22 -20.00 -3.32
C LEU B 526 34.49 -19.20 -3.50
N ILE B 527 35.61 -19.87 -3.80
CA ILE B 527 36.87 -19.17 -4.05
C ILE B 527 36.79 -18.38 -5.37
N TRP B 528 36.12 -18.94 -6.38
CA TRP B 528 35.88 -18.19 -7.61
C TRP B 528 34.99 -16.98 -7.35
N ASP B 529 33.99 -17.15 -6.47
CA ASP B 529 33.11 -16.05 -6.09
C ASP B 529 33.82 -14.99 -5.27
N LEU B 530 34.91 -15.34 -4.60
CA LEU B 530 35.56 -14.43 -3.68
C LEU B 530 36.90 -13.90 -4.17
N LYS B 531 37.41 -14.36 -5.30
CA LYS B 531 38.74 -13.95 -5.73
C LYS B 531 38.83 -13.23 -7.06
N MET B 532 38.00 -13.56 -8.06
CA MET B 532 38.27 -12.96 -9.36
C MET B 532 37.07 -12.20 -9.94
N ASP B 533 35.84 -12.65 -9.67
CA ASP B 533 34.71 -11.82 -10.09
C ASP B 533 34.42 -10.71 -9.09
N TRP B 534 34.97 -10.80 -7.89
CA TRP B 534 34.92 -9.74 -6.91
C TRP B 534 36.27 -9.06 -6.74
N GLY B 535 37.36 -9.79 -6.92
CA GLY B 535 38.70 -9.28 -6.69
C GLY B 535 38.94 -8.86 -5.26
N LEU B 536 38.31 -9.56 -4.32
CA LEU B 536 37.98 -8.94 -3.05
C LEU B 536 39.16 -8.90 -2.07
N PHE B 537 40.08 -9.87 -2.13
CA PHE B 537 41.34 -9.70 -1.41
C PHE B 537 42.48 -10.20 -2.29
N ASP B 538 43.34 -9.28 -2.71
CA ASP B 538 44.51 -9.58 -3.54
C ASP B 538 45.70 -8.89 -2.91
N LYS B 539 46.67 -9.67 -2.44
CA LYS B 539 47.89 -9.09 -1.90
C LYS B 539 48.78 -8.52 -3.00
N ASN B 540 48.57 -8.93 -4.25
CA ASN B 540 49.24 -8.32 -5.39
C ASN B 540 48.54 -7.00 -5.71
N ALA B 541 49.18 -5.89 -5.32
CA ALA B 541 48.71 -4.52 -5.53
C ALA B 541 47.32 -4.28 -4.92
N GLY B 542 47.19 -4.67 -3.65
CA GLY B 542 46.03 -4.36 -2.85
C GLY B 542 46.37 -3.39 -1.74
N GLU B 543 45.34 -2.69 -1.27
CA GLU B 543 45.55 -1.66 -0.26
C GLU B 543 45.79 -2.34 1.09
N ASN B 544 46.73 -1.80 1.87
CA ASN B 544 47.25 -2.54 3.02
C ASN B 544 46.27 -2.58 4.18
N THR B 545 45.60 -1.46 4.47
CA THR B 545 44.73 -1.40 5.65
C THR B 545 43.36 -2.02 5.43
N PHE B 546 43.04 -2.46 4.22
CA PHE B 546 41.79 -3.18 3.96
C PHE B 546 42.13 -4.57 3.46
N LEU B 547 42.28 -5.52 4.39
CA LEU B 547 42.38 -6.92 4.01
C LEU B 547 41.04 -7.46 3.56
N ARG B 548 39.95 -6.91 4.08
CA ARG B 548 38.61 -7.33 3.67
C ARG B 548 38.32 -6.96 2.22
N GLU B 549 38.73 -5.78 1.80
CA GLU B 549 38.34 -5.23 0.50
C GLU B 549 39.56 -5.06 -0.41
N GLU B 550 39.31 -4.52 -1.60
CA GLU B 550 40.30 -4.41 -2.65
C GLU B 550 41.10 -3.12 -2.50
N ILE B 551 41.86 -2.75 -3.53
CA ILE B 551 42.74 -1.58 -3.46
C ILE B 551 41.91 -0.29 -3.46
N VAL B 552 40.89 -0.20 -4.31
CA VAL B 552 39.97 0.92 -4.32
C VAL B 552 38.55 0.35 -4.40
N TYR B 553 37.65 0.91 -3.60
CA TYR B 553 36.31 0.35 -3.45
C TYR B 553 35.28 1.45 -3.68
N PRO B 554 34.27 1.21 -4.51
CA PRO B 554 33.23 2.23 -4.73
C PRO B 554 32.04 2.25 -3.75
N GLN B 555 31.78 1.18 -3.01
CA GLN B 555 30.83 1.26 -1.92
C GLN B 555 31.43 2.07 -0.79
N LYS B 556 30.56 2.69 0.02
CA LYS B 556 31.05 3.53 1.11
C LYS B 556 31.46 2.66 2.29
N ALA B 557 31.84 3.33 3.40
CA ALA B 557 32.63 2.69 4.45
C ALA B 557 31.84 1.61 5.19
N TYR B 558 30.62 1.92 5.61
CA TYR B 558 29.78 0.90 6.24
C TYR B 558 29.14 0.03 5.15
N TYR B 559 28.34 -0.94 5.59
CA TYR B 559 27.79 -2.02 4.77
C TYR B 559 28.93 -2.75 4.04
N TYR B 560 29.76 -3.39 4.87
CA TYR B 560 31.05 -3.93 4.45
C TYR B 560 30.89 -5.06 3.43
N CYS B 561 32.01 -5.37 2.78
CA CYS B 561 32.06 -6.44 1.80
C CYS B 561 31.96 -7.78 2.52
N ALA B 562 30.76 -8.35 2.51
CA ALA B 562 30.42 -9.49 3.36
C ALA B 562 31.01 -10.75 2.77
N ILE B 563 32.14 -11.20 3.32
CA ILE B 563 32.59 -12.56 3.05
C ILE B 563 31.82 -13.57 3.87
N ILE B 564 31.18 -13.14 4.96
CA ILE B 564 30.46 -14.06 5.84
C ILE B 564 29.12 -14.43 5.24
N GLU B 565 28.37 -13.44 4.73
CA GLU B 565 27.08 -13.69 4.10
C GLU B 565 27.21 -14.41 2.76
N ASP B 566 28.42 -14.55 2.22
CA ASP B 566 28.65 -15.42 1.08
C ASP B 566 29.20 -16.78 1.47
N VAL B 567 30.08 -16.85 2.49
CA VAL B 567 30.64 -18.15 2.88
C VAL B 567 29.59 -19.01 3.56
N ILE B 568 28.54 -18.40 4.12
CA ILE B 568 27.46 -19.20 4.69
C ILE B 568 26.44 -19.56 3.62
N LEU B 569 26.04 -18.57 2.81
CA LEU B 569 24.93 -18.79 1.90
C LEU B 569 25.32 -19.50 0.61
N ARG B 570 26.61 -19.54 0.25
CA ARG B 570 27.04 -20.47 -0.79
C ARG B 570 26.87 -21.91 -0.33
N PHE B 571 27.23 -22.18 0.93
CA PHE B 571 26.98 -23.49 1.52
C PHE B 571 25.49 -23.77 1.63
N ALA B 572 24.70 -22.76 2.00
CA ALA B 572 23.25 -22.93 2.09
C ALA B 572 22.64 -23.22 0.72
N TRP B 573 23.12 -22.53 -0.31
CA TRP B 573 22.65 -22.79 -1.67
C TRP B 573 23.03 -24.18 -2.14
N THR B 574 24.22 -24.65 -1.77
CA THR B 574 24.61 -25.96 -2.30
C THR B 574 24.00 -27.12 -1.51
N ILE B 575 23.75 -26.96 -0.20
CA ILE B 575 22.88 -27.90 0.53
C ILE B 575 21.50 -27.94 -0.11
N GLN B 576 20.93 -26.76 -0.40
CA GLN B 576 19.57 -26.70 -0.91
C GLN B 576 19.50 -27.29 -2.32
N ILE B 577 20.52 -27.05 -3.15
CA ILE B 577 20.44 -27.51 -4.54
C ILE B 577 20.64 -29.02 -4.58
N SER B 578 21.33 -29.57 -3.57
CA SER B 578 21.39 -31.03 -3.45
C SER B 578 20.07 -31.60 -2.92
N ILE B 579 19.36 -30.85 -2.08
CA ILE B 579 18.16 -31.36 -1.42
C ILE B 579 16.97 -31.37 -2.38
N THR B 580 16.66 -30.23 -3.00
CA THR B 580 15.38 -30.07 -3.67
C THR B 580 15.35 -30.67 -5.08
N SER B 581 16.39 -31.38 -5.48
CA SER B 581 16.41 -32.06 -6.78
C SER B 581 16.43 -33.57 -6.63
N THR B 582 17.33 -34.10 -5.80
CA THR B 582 17.43 -35.54 -5.63
C THR B 582 16.51 -36.09 -4.56
N THR B 583 15.97 -35.22 -3.69
CA THR B 583 15.12 -35.57 -2.55
C THR B 583 15.81 -36.58 -1.63
N LEU B 584 16.94 -36.15 -1.05
CA LEU B 584 17.61 -36.97 -0.04
C LEU B 584 16.80 -37.06 1.23
N LEU B 585 16.24 -35.94 1.68
CA LEU B 585 15.43 -35.88 2.90
C LEU B 585 14.03 -35.45 2.49
N PRO B 586 13.12 -36.39 2.26
CA PRO B 586 11.76 -36.01 1.82
C PRO B 586 10.94 -35.33 2.90
N HIS B 587 11.23 -35.58 4.18
CA HIS B 587 10.50 -34.91 5.24
C HIS B 587 10.92 -33.46 5.38
N SER B 588 12.16 -33.14 5.01
CA SER B 588 12.67 -31.77 5.07
C SER B 588 12.90 -31.18 3.69
N GLY B 589 12.41 -31.82 2.63
CA GLY B 589 12.63 -31.33 1.28
C GLY B 589 11.80 -30.12 0.91
N ASP B 590 10.81 -29.76 1.72
CA ASP B 590 9.98 -28.58 1.48
C ASP B 590 10.09 -27.57 2.60
N ILE B 591 11.04 -27.75 3.52
CA ILE B 591 11.32 -26.78 4.56
C ILE B 591 12.74 -26.24 4.45
N ILE B 592 13.72 -27.12 4.26
CA ILE B 592 15.10 -26.72 4.03
C ILE B 592 15.21 -25.94 2.72
N ALA B 593 14.57 -26.43 1.66
CA ALA B 593 14.59 -25.74 0.38
C ALA B 593 13.83 -24.41 0.45
N THR B 594 12.67 -24.40 1.09
CA THR B 594 11.84 -23.21 1.20
C THR B 594 12.49 -22.15 2.10
N VAL B 595 13.37 -22.55 3.02
CA VAL B 595 14.12 -21.57 3.80
C VAL B 595 15.33 -21.08 3.03
N PHE B 596 16.12 -22.01 2.45
CA PHE B 596 17.41 -21.64 1.89
C PHE B 596 17.33 -21.00 0.52
N ALA B 597 16.21 -21.12 -0.19
CA ALA B 597 16.17 -20.51 -1.52
C ALA B 597 15.97 -19.00 -1.49
N PRO B 598 15.11 -18.40 -0.63
CA PRO B 598 15.17 -16.94 -0.47
C PRO B 598 16.46 -16.45 0.18
N LEU B 599 17.22 -17.33 0.83
CA LEU B 599 18.56 -16.95 1.27
C LEU B 599 19.58 -17.01 0.14
N GLU B 600 19.42 -17.93 -0.81
CA GLU B 600 20.35 -17.95 -1.95
C GLU B 600 20.05 -16.82 -2.91
N VAL B 601 18.81 -16.33 -2.95
CA VAL B 601 18.50 -15.13 -3.73
C VAL B 601 19.15 -13.92 -3.09
N PHE B 602 19.19 -13.87 -1.75
CA PHE B 602 19.90 -12.81 -1.05
C PHE B 602 21.41 -12.92 -1.25
N ARG B 603 21.93 -14.15 -1.36
CA ARG B 603 23.33 -14.33 -1.71
C ARG B 603 23.65 -13.77 -3.08
N ARG B 604 22.76 -14.01 -4.05
CA ARG B 604 22.91 -13.45 -5.38
C ARG B 604 22.75 -11.93 -5.37
N PHE B 605 21.92 -11.42 -4.46
CA PHE B 605 21.81 -9.97 -4.25
C PHE B 605 23.11 -9.36 -3.77
N VAL B 606 23.80 -10.04 -2.84
CA VAL B 606 25.13 -9.60 -2.42
C VAL B 606 26.13 -9.72 -3.57
N TRP B 607 25.96 -10.75 -4.40
CA TRP B 607 26.84 -10.97 -5.54
C TRP B 607 26.75 -9.83 -6.54
N ASN B 608 25.56 -9.27 -6.74
CA ASN B 608 25.39 -8.21 -7.74
C ASN B 608 26.16 -6.94 -7.37
N PHE B 609 26.09 -6.52 -6.09
CA PHE B 609 26.94 -5.45 -5.58
C PHE B 609 28.42 -5.73 -5.81
N PHE B 610 28.87 -6.89 -5.38
CA PHE B 610 30.32 -7.07 -5.31
C PHE B 610 30.90 -7.66 -6.59
N ARG B 611 30.07 -7.88 -7.61
CA ARG B 611 30.57 -8.13 -8.96
C ARG B 611 30.59 -6.85 -9.78
N LEU B 612 29.56 -6.02 -9.67
CA LEU B 612 29.61 -4.76 -10.43
C LEU B 612 30.39 -3.67 -9.72
N GLU B 613 30.92 -3.91 -8.52
CA GLU B 613 32.00 -3.04 -8.07
C GLU B 613 33.32 -3.39 -8.76
N ASN B 614 33.39 -4.57 -9.39
CA ASN B 614 34.60 -5.03 -10.05
C ASN B 614 34.57 -4.84 -11.56
N GLU B 615 33.41 -5.06 -12.19
CA GLU B 615 33.31 -4.92 -13.65
C GLU B 615 33.45 -3.47 -14.09
N HIS B 616 32.96 -2.53 -13.28
CA HIS B 616 33.24 -1.12 -13.54
C HIS B 616 34.71 -0.81 -13.38
N LEU B 617 35.36 -1.42 -12.38
CA LEU B 617 36.79 -1.18 -12.16
C LEU B 617 37.65 -1.89 -13.19
N ASN B 618 37.30 -3.12 -13.55
CA ASN B 618 38.07 -3.88 -14.53
C ASN B 618 37.35 -3.94 -15.87
#